data_3JSW
#
_entry.id   3JSW
#
_cell.length_a   103.278
_cell.length_b   103.278
_cell.length_c   270.349
_cell.angle_alpha   90.00
_cell.angle_beta   90.00
_cell.angle_gamma   90.00
#
_symmetry.space_group_name_H-M   'P 41 21 2'
#
loop_
_entity.id
_entity.type
_entity.pdbx_description
1 polymer "High affinity cGMP-specific 3',5'-cyclic phosphodiesterase 9A"
2 non-polymer 'ZINC ION'
3 non-polymer 'MAGNESIUM ION'
4 non-polymer 6-[(3S,4S)-1-benzyl-4-methylpyrrolidin-3-yl]-1-(1-methylethyl)-1,5-dihydro-4H-pyrazolo[3,4-d]pyrimidin-4-one
5 water water
#
_entity_poly.entity_id   1
_entity_poly.type   'polypeptide(L)'
_entity_poly.pdbx_seq_one_letter_code
;GSHMTYPKYLLSPETIEALRKPTFDVWLWEPNEMLSCLEHMYHDLGLVRDFSINPVTLRRWLFCVHDNYRNNPFHNFRHC
FCVAQMMYSMVWLCSLQEKFSQTDILILMTAAICHDLDHPGYNNTYQINARTELAVRYNDISPLENHHCAVAFQILAEPE
CNIFSNIPPDGFKQIRQGMITLILATDMARHAEIMDSFKEKMENFDYSNEEHMTLLKMILIKCCDISNEVRPMEVAEPWV
DCLLEEYFMQSDREKSEGLPVAPFMDRDKVTKATAQIGFIKFVLIPMFETVTKLFPMVEEIMLQPLWESRDRYEELKRID
DAMKELQKK
;
_entity_poly.pdbx_strand_id   A,B
#
# COMPACT_ATOMS: atom_id res chain seq x y z
N GLY A 1 46.64 -11.00 -17.00
CA GLY A 1 47.22 -10.76 -18.34
C GLY A 1 47.98 -9.46 -18.48
N SER A 2 47.94 -8.65 -17.39
CA SER A 2 48.51 -7.28 -17.35
C SER A 2 49.97 -7.22 -16.79
N HIS A 3 50.74 -6.22 -17.24
CA HIS A 3 52.17 -6.10 -16.90
C HIS A 3 52.50 -5.81 -15.43
N MET A 4 51.54 -5.33 -14.68
CA MET A 4 51.71 -5.05 -13.29
C MET A 4 50.40 -5.48 -12.68
N THR A 5 50.38 -5.56 -11.35
CA THR A 5 49.19 -5.89 -10.60
C THR A 5 48.47 -4.66 -10.11
N TYR A 6 47.14 -4.76 -10.09
CA TYR A 6 46.24 -3.68 -9.71
C TYR A 6 45.37 -4.09 -8.47
N PRO A 7 44.95 -3.12 -7.64
CA PRO A 7 44.03 -3.48 -6.59
C PRO A 7 42.73 -4.06 -7.11
N LYS A 8 42.09 -4.76 -6.21
CA LYS A 8 40.98 -5.65 -6.55
C LYS A 8 39.80 -4.82 -7.03
N TYR A 9 39.68 -3.58 -6.51
CA TYR A 9 38.55 -2.68 -6.85
C TYR A 9 38.72 -2.08 -8.23
N LEU A 10 39.92 -2.18 -8.78
CA LEU A 10 40.14 -1.93 -10.23
C LEU A 10 39.87 -3.27 -10.95
N LEU A 11 38.69 -3.35 -11.51
CA LEU A 11 38.23 -4.56 -12.19
C LEU A 11 39.15 -4.87 -13.35
N SER A 12 39.54 -6.12 -13.50
CA SER A 12 40.34 -6.48 -14.67
C SER A 12 39.47 -6.52 -15.91
N PRO A 13 40.07 -6.40 -17.10
CA PRO A 13 39.39 -6.53 -18.40
C PRO A 13 38.56 -7.82 -18.56
N GLU A 14 39.05 -8.92 -18.02
CA GLU A 14 38.35 -10.20 -18.09
C GLU A 14 37.09 -10.15 -17.22
N THR A 15 37.18 -9.51 -16.07
CA THR A 15 36.05 -9.37 -15.18
C THR A 15 34.92 -8.54 -15.78
N ILE A 16 35.29 -7.48 -16.45
CA ILE A 16 34.36 -6.62 -17.16
C ILE A 16 33.59 -7.29 -18.25
N GLU A 17 34.31 -8.07 -19.03
CA GLU A 17 33.76 -8.98 -20.01
C GLU A 17 32.81 -10.04 -19.35
N ALA A 18 33.29 -10.71 -18.32
CA ALA A 18 32.55 -11.81 -17.68
C ALA A 18 31.26 -11.30 -17.06
N LEU A 19 31.27 -10.03 -16.66
CA LEU A 19 30.16 -9.42 -15.94
C LEU A 19 28.89 -9.29 -16.79
N ARG A 20 29.06 -9.35 -18.10
CA ARG A 20 27.89 -9.29 -18.99
C ARG A 20 27.13 -10.57 -19.15
N LYS A 21 27.61 -11.67 -18.57
CA LYS A 21 27.02 -12.96 -18.76
C LYS A 21 26.50 -13.51 -17.46
N PRO A 22 25.43 -14.30 -17.59
CA PRO A 22 24.77 -14.96 -16.45
C PRO A 22 25.61 -16.06 -15.78
N THR A 23 26.75 -16.39 -16.38
CA THR A 23 27.72 -17.34 -15.81
C THR A 23 28.69 -16.65 -14.81
N PHE A 24 28.60 -15.35 -14.63
CA PHE A 24 29.45 -14.64 -13.68
C PHE A 24 29.34 -15.26 -12.29
N ASP A 25 30.47 -15.62 -11.69
CA ASP A 25 30.48 -16.22 -10.40
C ASP A 25 30.45 -15.13 -9.36
N VAL A 26 29.23 -14.96 -8.84
CA VAL A 26 28.96 -13.93 -7.89
C VAL A 26 29.67 -14.10 -6.52
N TRP A 27 30.16 -15.29 -6.22
CA TRP A 27 30.77 -15.65 -4.93
C TRP A 27 32.20 -15.19 -4.78
N LEU A 28 32.88 -14.91 -5.89
CA LEU A 28 34.28 -14.58 -5.91
C LEU A 28 34.63 -13.22 -5.36
N TRP A 29 33.67 -12.34 -5.13
CA TRP A 29 33.94 -10.91 -4.98
C TRP A 29 33.59 -10.40 -3.60
N GLU A 30 34.50 -9.60 -3.05
CA GLU A 30 34.23 -8.87 -1.83
C GLU A 30 33.29 -7.74 -2.12
N PRO A 31 32.65 -7.15 -1.11
CA PRO A 31 31.79 -5.96 -1.27
C PRO A 31 32.33 -4.83 -2.19
N ASN A 32 33.58 -4.44 -1.95
CA ASN A 32 34.27 -3.40 -2.70
C ASN A 32 34.37 -3.70 -4.21
N GLU A 33 34.62 -4.97 -4.54
CA GLU A 33 34.68 -5.39 -5.94
C GLU A 33 33.26 -5.42 -6.53
N MET A 34 32.28 -5.82 -5.70
CA MET A 34 30.92 -5.80 -6.14
C MET A 34 30.44 -4.42 -6.41
N LEU A 35 30.83 -3.48 -5.54
CA LEU A 35 30.49 -2.12 -5.74
C LEU A 35 31.04 -1.53 -7.05
N SER A 36 32.29 -1.87 -7.34
CA SER A 36 32.93 -1.50 -8.57
C SER A 36 32.19 -2.02 -9.82
N CYS A 37 31.73 -3.26 -9.73
CA CYS A 37 30.95 -3.85 -10.79
C CYS A 37 29.72 -3.07 -11.06
N LEU A 38 29.02 -2.75 -10.00
CA LEU A 38 27.76 -2.04 -10.14
C LEU A 38 27.97 -0.68 -10.81
N GLU A 39 28.96 0.05 -10.28
CA GLU A 39 29.42 1.31 -10.84
C GLU A 39 29.69 1.21 -12.32
N HIS A 40 30.46 0.21 -12.71
CA HIS A 40 30.77 0.01 -14.10
C HIS A 40 29.51 -0.21 -14.95
N MET A 41 28.55 -0.90 -14.42
CA MET A 41 27.28 -1.11 -15.14
C MET A 41 26.60 0.21 -15.46
N TYR A 42 26.64 1.15 -14.51
CA TYR A 42 25.99 2.45 -14.74
C TYR A 42 26.65 3.28 -15.84
N HIS A 43 27.97 3.19 -15.90
CA HIS A 43 28.72 3.84 -16.94
C HIS A 43 28.52 3.16 -18.28
N ASP A 44 28.58 1.84 -18.24
CA ASP A 44 28.66 1.01 -19.47
C ASP A 44 27.30 0.98 -20.21
N LEU A 45 26.23 0.99 -19.44
CA LEU A 45 24.86 1.19 -19.97
C LEU A 45 24.51 2.61 -20.47
N GLY A 46 25.45 3.59 -20.35
CA GLY A 46 25.26 4.96 -20.79
C GLY A 46 24.36 5.76 -19.86
N LEU A 47 24.11 5.24 -18.65
CA LEU A 47 23.19 5.91 -17.71
C LEU A 47 23.85 7.11 -17.03
N VAL A 48 25.17 7.02 -16.71
CA VAL A 48 25.92 8.21 -16.24
C VAL A 48 25.92 9.31 -17.28
N ARG A 49 26.22 8.95 -18.53
CA ARG A 49 26.15 9.86 -19.64
C ARG A 49 24.75 10.46 -19.81
N ASP A 50 23.73 9.64 -19.93
CA ASP A 50 22.44 10.19 -20.31
C ASP A 50 21.64 10.86 -19.19
N PHE A 51 21.95 10.55 -17.92
CA PHE A 51 21.27 11.19 -16.80
C PHE A 51 22.11 12.20 -16.00
N SER A 52 23.27 12.52 -16.56
CA SER A 52 24.22 13.43 -15.97
C SER A 52 24.48 13.08 -14.52
N ILE A 53 24.79 11.81 -14.26
CA ILE A 53 24.96 11.39 -12.88
C ILE A 53 26.39 11.81 -12.45
N ASN A 54 26.55 12.61 -11.37
CA ASN A 54 27.93 12.85 -10.76
C ASN A 54 28.56 11.49 -10.49
N PRO A 55 29.68 11.23 -11.16
CA PRO A 55 30.36 9.93 -10.94
C PRO A 55 30.78 9.60 -9.46
N VAL A 56 31.05 10.61 -8.63
CA VAL A 56 31.33 10.40 -7.21
C VAL A 56 30.02 10.17 -6.47
N THR A 57 28.97 10.90 -6.84
CA THR A 57 27.67 10.61 -6.30
C THR A 57 27.27 9.14 -6.56
N LEU A 58 27.51 8.62 -7.75
CA LEU A 58 27.17 7.25 -8.04
C LEU A 58 27.85 6.31 -7.08
N ARG A 59 29.09 6.62 -6.80
CA ARG A 59 29.83 5.80 -5.81
C ARG A 59 29.36 5.91 -4.35
N ARG A 60 29.10 7.13 -3.89
CA ARG A 60 28.53 7.40 -2.57
C ARG A 60 27.18 6.74 -2.44
N TRP A 61 26.38 6.88 -3.51
CA TRP A 61 25.09 6.19 -3.50
C TRP A 61 25.20 4.66 -3.32
N LEU A 62 26.00 4.02 -4.16
CA LEU A 62 26.20 2.54 -4.01
C LEU A 62 26.76 2.13 -2.63
N PHE A 63 27.71 2.89 -2.11
CA PHE A 63 28.23 2.63 -0.76
C PHE A 63 27.11 2.72 0.31
N CYS A 64 26.26 3.71 0.17
CA CYS A 64 25.12 3.86 1.04
C CYS A 64 24.08 2.72 0.93
N VAL A 65 23.83 2.29 -0.28
CA VAL A 65 23.01 1.13 -0.53
C VAL A 65 23.54 -0.11 0.18
N HIS A 66 24.80 -0.42 -0.11
CA HIS A 66 25.52 -1.48 0.59
C HIS A 66 25.34 -1.42 2.15
N ASP A 67 25.51 -0.25 2.71
CA ASP A 67 25.43 -0.11 4.15
C ASP A 67 24.02 -0.40 4.71
N ASN A 68 22.99 -0.26 3.87
CA ASN A 68 21.60 -0.42 4.27
C ASN A 68 21.10 -1.81 3.91
N TYR A 69 21.95 -2.66 3.30
CA TYR A 69 21.66 -4.07 3.26
C TYR A 69 22.14 -4.69 4.55
N ARG A 70 21.29 -5.54 5.11
CA ARG A 70 21.70 -6.31 6.32
C ARG A 70 22.49 -7.59 6.04
N ASN A 71 23.21 -8.04 7.03
CA ASN A 71 23.95 -9.30 6.92
C ASN A 71 23.10 -10.49 7.19
N ASN A 72 22.12 -10.73 6.33
CA ASN A 72 21.34 -11.94 6.39
C ASN A 72 22.01 -13.05 5.57
N PRO A 73 21.61 -14.31 5.88
CA PRO A 73 22.21 -15.43 5.16
C PRO A 73 21.93 -15.27 3.65
N PHE A 74 20.76 -14.77 3.26
CA PHE A 74 20.36 -14.67 1.88
C PHE A 74 20.06 -13.26 1.42
N HIS A 75 19.23 -12.54 2.18
CA HIS A 75 18.70 -11.18 1.76
C HIS A 75 19.68 -10.13 2.19
N ASN A 76 20.83 -10.22 1.49
CA ASN A 76 22.01 -9.43 1.77
C ASN A 76 22.45 -8.66 0.52
N PHE A 77 23.53 -7.93 0.66
CA PHE A 77 24.09 -7.19 -0.44
C PHE A 77 24.59 -8.03 -1.63
N ARG A 78 25.12 -9.21 -1.36
CA ARG A 78 25.53 -10.08 -2.47
C ARG A 78 24.25 -10.50 -3.26
N HIS A 79 23.11 -10.61 -2.60
CA HIS A 79 21.93 -11.00 -3.32
C HIS A 79 21.46 -9.85 -4.21
N CYS A 80 21.52 -8.65 -3.67
CA CYS A 80 21.14 -7.54 -4.55
C CYS A 80 22.09 -7.46 -5.76
N PHE A 81 23.36 -7.82 -5.53
CA PHE A 81 24.32 -7.74 -6.62
C PHE A 81 23.94 -8.78 -7.68
N CYS A 82 23.55 -10.00 -7.28
CA CYS A 82 23.09 -11.00 -8.21
C CYS A 82 21.94 -10.51 -9.04
N VAL A 83 20.99 -9.86 -8.36
CA VAL A 83 19.78 -9.41 -9.03
C VAL A 83 20.20 -8.37 -10.09
N ALA A 84 20.98 -7.38 -9.69
CA ALA A 84 21.50 -6.35 -10.61
C ALA A 84 22.34 -6.89 -11.78
N GLN A 85 23.21 -7.82 -11.45
CA GLN A 85 24.11 -8.39 -12.41
C GLN A 85 23.32 -9.21 -13.41
N MET A 86 22.28 -9.89 -12.97
CA MET A 86 21.40 -10.68 -13.89
C MET A 86 20.59 -9.78 -14.81
N MET A 87 20.13 -8.67 -14.25
CA MET A 87 19.42 -7.63 -15.05
C MET A 87 20.32 -7.09 -16.15
N TYR A 88 21.53 -6.75 -15.75
CA TYR A 88 22.55 -6.33 -16.68
C TYR A 88 22.79 -7.39 -17.77
N SER A 89 22.90 -8.63 -17.34
CA SER A 89 23.07 -9.71 -18.28
C SER A 89 21.95 -9.76 -19.29
N MET A 90 20.74 -9.55 -18.81
CA MET A 90 19.57 -9.63 -19.62
C MET A 90 19.44 -8.53 -20.62
N VAL A 91 19.92 -7.33 -20.26
CA VAL A 91 19.97 -6.21 -21.18
C VAL A 91 20.77 -6.64 -22.42
N TRP A 92 21.93 -7.27 -22.18
CA TRP A 92 22.76 -7.73 -23.31
C TRP A 92 22.14 -8.90 -24.02
N LEU A 93 21.67 -9.85 -23.24
CA LEU A 93 21.19 -11.06 -23.83
C LEU A 93 19.95 -10.76 -24.68
N CYS A 94 19.03 -9.94 -24.17
CA CYS A 94 17.78 -9.70 -24.85
C CYS A 94 17.75 -8.40 -25.67
N SER A 95 18.91 -7.74 -25.84
CA SER A 95 19.06 -6.49 -26.57
C SER A 95 18.02 -5.48 -26.12
N LEU A 96 17.96 -5.27 -24.78
CA LEU A 96 16.94 -4.44 -24.22
C LEU A 96 17.02 -2.94 -24.60
N GLN A 97 18.20 -2.47 -25.03
CA GLN A 97 18.41 -1.09 -25.46
C GLN A 97 17.79 -0.84 -26.82
N GLU A 98 17.51 -1.86 -27.59
CA GLU A 98 16.70 -1.67 -28.78
C GLU A 98 15.23 -1.42 -28.43
N LYS A 99 14.73 -2.06 -27.40
CA LYS A 99 13.33 -2.06 -27.06
C LYS A 99 12.94 -0.95 -26.02
N PHE A 100 13.86 -0.62 -25.10
CA PHE A 100 13.54 0.20 -23.96
C PHE A 100 14.31 1.50 -24.02
N SER A 101 13.67 2.56 -23.56
CA SER A 101 14.28 3.82 -23.30
C SER A 101 15.40 3.70 -22.25
N GLN A 102 16.29 4.70 -22.25
CA GLN A 102 17.31 4.80 -21.18
C GLN A 102 16.72 5.00 -19.80
N THR A 103 15.58 5.67 -19.73
CA THR A 103 14.86 5.82 -18.48
C THR A 103 14.35 4.48 -18.02
N ASP A 104 13.80 3.68 -18.91
CA ASP A 104 13.40 2.33 -18.52
C ASP A 104 14.55 1.42 -17.99
N ILE A 105 15.67 1.47 -18.71
CA ILE A 105 16.87 0.78 -18.24
C ILE A 105 17.31 1.35 -16.87
N LEU A 106 17.30 2.67 -16.68
CA LEU A 106 17.60 3.23 -15.34
C LEU A 106 16.68 2.70 -14.24
N ILE A 107 15.39 2.67 -14.50
CA ILE A 107 14.41 2.11 -13.56
C ILE A 107 14.73 0.63 -13.23
N LEU A 108 14.96 -0.14 -14.29
CA LEU A 108 15.21 -1.58 -14.11
C LEU A 108 16.41 -1.83 -13.23
N MET A 109 17.45 -1.09 -13.52
CA MET A 109 18.72 -1.29 -12.81
C MET A 109 18.62 -0.80 -11.40
N THR A 110 18.04 0.38 -11.21
CA THR A 110 17.97 0.96 -9.89
C THR A 110 17.02 0.22 -8.94
N ALA A 111 15.88 -0.18 -9.46
CA ALA A 111 14.98 -1.07 -8.73
C ALA A 111 15.68 -2.37 -8.36
N ALA A 112 16.42 -2.97 -9.29
CA ALA A 112 17.11 -4.24 -9.00
C ALA A 112 18.05 -4.09 -7.79
N ILE A 113 18.78 -2.99 -7.76
CA ILE A 113 19.75 -2.74 -6.74
C ILE A 113 19.09 -2.45 -5.41
N CYS A 114 17.98 -1.73 -5.50
CA CYS A 114 17.25 -1.31 -4.29
C CYS A 114 16.23 -2.26 -3.71
N HIS A 115 15.89 -3.32 -4.42
CA HIS A 115 14.63 -4.01 -4.16
C HIS A 115 14.50 -4.81 -2.87
N ASP A 116 15.58 -5.02 -2.15
CA ASP A 116 15.54 -5.68 -0.87
C ASP A 116 16.24 -4.91 0.25
N LEU A 117 16.26 -3.61 0.13
CA LEU A 117 16.90 -2.78 1.12
C LEU A 117 16.38 -3.02 2.53
N ASP A 118 17.34 -3.20 3.43
CA ASP A 118 17.07 -3.30 4.85
C ASP A 118 16.10 -4.45 5.16
N HIS A 119 16.25 -5.54 4.45
CA HIS A 119 15.44 -6.70 4.71
C HIS A 119 15.83 -7.33 6.04
N PRO A 120 14.85 -7.59 6.90
CA PRO A 120 15.10 -8.19 8.20
C PRO A 120 15.39 -9.72 8.23
N GLY A 121 15.25 -10.45 7.11
CA GLY A 121 15.47 -11.91 7.12
C GLY A 121 14.30 -12.76 7.69
N TYR A 122 13.16 -12.10 7.86
CA TYR A 122 11.86 -12.74 8.15
C TYR A 122 10.87 -12.16 7.11
N ASN A 123 10.06 -13.02 6.52
CA ASN A 123 9.21 -12.57 5.40
C ASN A 123 7.89 -11.87 5.77
N ASN A 124 7.12 -11.45 4.73
CA ASN A 124 5.79 -10.75 4.91
C ASN A 124 4.83 -11.55 5.80
N THR A 125 4.78 -12.87 5.61
CA THR A 125 3.95 -13.73 6.45
C THR A 125 4.39 -13.67 7.92
N TYR A 126 5.68 -13.70 8.20
CA TYR A 126 6.11 -13.44 9.59
C TYR A 126 5.60 -12.04 10.10
N GLN A 127 5.91 -10.99 9.33
CA GLN A 127 5.51 -9.63 9.72
C GLN A 127 4.00 -9.55 10.09
N ILE A 128 3.19 -10.09 9.18
CA ILE A 128 1.75 -10.03 9.26
C ILE A 128 1.29 -10.83 10.44
N ASN A 129 1.75 -12.07 10.57
CA ASN A 129 1.28 -12.99 11.71
C ASN A 129 1.70 -12.49 13.10
N ALA A 130 2.90 -11.90 13.17
CA ALA A 130 3.50 -11.44 14.41
C ALA A 130 3.06 -10.00 14.71
N ARG A 131 2.35 -9.38 13.75
CA ARG A 131 1.84 -8.02 13.90
C ARG A 131 2.98 -7.10 14.24
N THR A 132 4.04 -7.19 13.47
CA THR A 132 5.21 -6.31 13.62
C THR A 132 4.93 -4.85 13.28
N GLU A 133 5.86 -3.99 13.68
CA GLU A 133 5.77 -2.57 13.38
C GLU A 133 5.64 -2.28 11.92
N LEU A 134 6.32 -3.06 11.11
CA LEU A 134 6.23 -2.96 9.67
C LEU A 134 4.87 -3.37 9.09
N ALA A 135 4.32 -4.49 9.55
CA ALA A 135 3.00 -4.93 9.14
C ALA A 135 1.93 -3.90 9.51
N VAL A 136 2.09 -3.31 10.70
CA VAL A 136 1.19 -2.32 11.19
C VAL A 136 1.33 -1.04 10.39
N ARG A 137 2.56 -0.65 10.16
CA ARG A 137 2.87 0.52 9.33
C ARG A 137 2.17 0.47 7.93
N TYR A 138 2.27 -0.68 7.28
CA TYR A 138 1.88 -0.85 5.90
C TYR A 138 0.55 -1.61 5.72
N ASN A 139 -0.18 -1.79 6.80
CA ASN A 139 -1.52 -2.36 6.71
C ASN A 139 -1.62 -3.76 6.02
N ASP A 140 -0.58 -4.56 6.25
CA ASP A 140 -0.41 -5.94 5.75
C ASP A 140 -0.30 -6.00 4.23
N ILE A 141 -0.07 -4.86 3.64
CA ILE A 141 0.15 -4.78 2.20
C ILE A 141 1.63 -4.70 1.86
N SER A 142 2.19 -5.80 1.35
CA SER A 142 3.59 -5.95 0.88
C SER A 142 4.50 -5.19 1.80
N PRO A 143 4.42 -5.53 3.12
CA PRO A 143 5.10 -4.66 4.06
C PRO A 143 6.58 -4.45 3.77
N LEU A 144 7.28 -5.54 3.48
CA LEU A 144 8.70 -5.49 3.16
C LEU A 144 8.98 -4.74 1.93
N GLU A 145 8.23 -5.02 0.90
CA GLU A 145 8.55 -4.38 -0.34
C GLU A 145 8.28 -2.88 -0.28
N ASN A 146 7.23 -2.47 0.42
CA ASN A 146 7.01 -1.07 0.68
C ASN A 146 8.16 -0.39 1.43
N HIS A 147 8.67 -1.09 2.44
CA HIS A 147 9.86 -0.62 3.22
C HIS A 147 11.11 -0.52 2.35
N HIS A 148 11.38 -1.55 1.53
CA HIS A 148 12.59 -1.59 0.65
C HIS A 148 12.61 -0.29 -0.14
N CYS A 149 11.44 -0.03 -0.66
CA CYS A 149 11.14 1.08 -1.52
C CYS A 149 11.30 2.47 -0.85
N ALA A 150 10.77 2.61 0.35
CA ALA A 150 10.86 3.81 1.12
C ALA A 150 12.31 4.05 1.50
N VAL A 151 13.00 3.01 1.96
CA VAL A 151 14.43 3.12 2.25
C VAL A 151 15.19 3.61 1.03
N ALA A 152 14.82 3.11 -0.15
CA ALA A 152 15.44 3.52 -1.38
C ALA A 152 15.41 5.05 -1.61
N PHE A 153 14.26 5.66 -1.33
CA PHE A 153 14.04 7.04 -1.62
C PHE A 153 14.54 7.88 -0.47
N GLN A 154 14.56 7.31 0.73
CA GLN A 154 15.26 7.95 1.83
C GLN A 154 16.72 8.15 1.49
N ILE A 155 17.33 7.13 0.87
CA ILE A 155 18.75 7.18 0.53
C ILE A 155 18.95 8.24 -0.56
N LEU A 156 18.16 8.14 -1.61
CA LEU A 156 18.21 9.15 -2.70
C LEU A 156 17.93 10.64 -2.27
N ALA A 157 17.29 10.87 -1.13
CA ALA A 157 17.02 12.21 -0.65
C ALA A 157 18.26 12.80 0.06
N GLU A 158 19.23 11.97 0.38
CA GLU A 158 20.49 12.49 0.91
C GLU A 158 21.23 13.03 -0.27
N PRO A 159 21.60 14.33 -0.21
CA PRO A 159 22.03 15.04 -1.41
C PRO A 159 23.34 14.46 -2.00
N GLU A 160 24.24 13.95 -1.17
CA GLU A 160 25.45 13.31 -1.62
C GLU A 160 25.25 11.92 -2.29
N CYS A 161 24.09 11.30 -2.09
CA CYS A 161 23.72 10.06 -2.78
C CYS A 161 22.71 10.18 -3.92
N ASN A 162 22.30 11.39 -4.24
CA ASN A 162 21.23 11.59 -5.17
C ASN A 162 21.66 11.53 -6.62
N ILE A 163 21.76 10.29 -7.10
CA ILE A 163 22.16 10.02 -8.48
C ILE A 163 21.17 10.64 -9.48
N PHE A 164 19.99 11.07 -9.01
CA PHE A 164 19.00 11.71 -9.89
C PHE A 164 18.96 13.24 -9.82
N SER A 165 19.96 13.85 -9.22
CA SER A 165 19.91 15.27 -8.91
C SER A 165 19.97 16.12 -10.15
N ASN A 166 20.55 15.60 -11.26
CA ASN A 166 20.53 16.34 -12.53
C ASN A 166 19.46 15.90 -13.48
N ILE A 167 18.43 15.27 -12.94
CA ILE A 167 17.31 14.87 -13.75
C ILE A 167 16.18 15.87 -13.48
N PRO A 168 15.49 16.31 -14.54
CA PRO A 168 14.34 17.20 -14.32
C PRO A 168 13.23 16.54 -13.49
N PRO A 169 12.45 17.37 -12.76
CA PRO A 169 11.38 16.88 -11.94
C PRO A 169 10.43 15.88 -12.57
N ASP A 170 10.06 16.07 -13.84
CA ASP A 170 9.19 15.13 -14.47
C ASP A 170 9.86 13.79 -14.66
N GLY A 171 11.16 13.78 -15.02
CA GLY A 171 11.87 12.53 -15.16
C GLY A 171 12.00 11.84 -13.83
N PHE A 172 12.30 12.62 -12.77
CA PHE A 172 12.39 12.06 -11.45
C PHE A 172 11.08 11.35 -11.11
N LYS A 173 9.93 12.03 -11.31
CA LYS A 173 8.64 11.48 -10.97
C LYS A 173 8.36 10.24 -11.75
N GLN A 174 8.74 10.23 -13.03
CA GLN A 174 8.58 9.05 -13.89
C GLN A 174 9.39 7.83 -13.43
N ILE A 175 10.62 8.09 -13.00
CA ILE A 175 11.54 7.08 -12.54
C ILE A 175 11.06 6.56 -11.18
N ARG A 176 10.76 7.50 -10.28
CA ARG A 176 10.17 7.14 -8.98
C ARG A 176 8.94 6.16 -9.07
N GLN A 177 7.95 6.54 -9.88
CA GLN A 177 6.81 5.68 -10.12
C GLN A 177 7.18 4.28 -10.67
N GLY A 178 8.04 4.23 -11.71
CA GLY A 178 8.48 2.95 -12.24
C GLY A 178 9.18 2.09 -11.18
N MET A 179 10.07 2.69 -10.41
CA MET A 179 10.80 1.93 -9.36
C MET A 179 9.84 1.37 -8.31
N ILE A 180 8.85 2.15 -7.94
CA ILE A 180 7.89 1.69 -6.90
C ILE A 180 7.15 0.47 -7.45
N THR A 181 6.66 0.61 -8.66
CA THR A 181 5.93 -0.48 -9.27
C THR A 181 6.75 -1.74 -9.31
N LEU A 182 8.03 -1.60 -9.67
CA LEU A 182 8.91 -2.75 -9.85
C LEU A 182 9.29 -3.46 -8.53
N ILE A 183 9.64 -2.68 -7.54
CA ILE A 183 10.03 -3.19 -6.25
C ILE A 183 8.81 -3.83 -5.58
N LEU A 184 7.65 -3.21 -5.69
CA LEU A 184 6.40 -3.83 -5.21
C LEU A 184 6.07 -5.15 -5.95
N ALA A 185 6.47 -5.22 -7.20
CA ALA A 185 6.13 -6.36 -8.02
C ALA A 185 6.94 -7.62 -7.62
N THR A 186 7.95 -7.46 -6.75
CA THR A 186 8.75 -8.58 -6.30
C THR A 186 8.15 -9.39 -5.15
N ASP A 187 7.07 -8.88 -4.55
CA ASP A 187 6.31 -9.67 -3.61
C ASP A 187 5.71 -10.92 -4.26
N MET A 188 6.22 -12.07 -3.86
CA MET A 188 5.83 -13.35 -4.46
C MET A 188 4.42 -13.70 -4.18
N ALA A 189 3.76 -13.00 -3.25
CA ALA A 189 2.33 -13.29 -3.03
C ALA A 189 1.52 -12.93 -4.26
N ARG A 190 2.03 -11.97 -5.05
CA ARG A 190 1.42 -11.51 -6.34
C ARG A 190 1.92 -12.21 -7.63
N HIS A 191 2.71 -13.26 -7.50
CA HIS A 191 3.34 -13.92 -8.65
C HIS A 191 2.35 -14.38 -9.74
N ALA A 192 1.35 -15.14 -9.32
CA ALA A 192 0.38 -15.72 -10.26
C ALA A 192 -0.49 -14.65 -10.95
N GLU A 193 -0.98 -13.67 -10.17
CA GLU A 193 -1.62 -12.45 -10.65
C GLU A 193 -0.79 -11.72 -11.74
N ILE A 194 0.49 -11.46 -11.45
CA ILE A 194 1.36 -10.73 -12.36
C ILE A 194 1.63 -11.60 -13.65
N MET A 195 1.91 -12.88 -13.43
CA MET A 195 2.03 -13.79 -14.55
C MET A 195 0.78 -13.85 -15.42
N ASP A 196 -0.39 -13.91 -14.79
CA ASP A 196 -1.66 -13.93 -15.55
C ASP A 196 -1.82 -12.66 -16.34
N SER A 197 -1.55 -11.49 -15.71
CA SER A 197 -1.65 -10.23 -16.45
C SER A 197 -0.67 -10.23 -17.61
N PHE A 198 0.59 -10.60 -17.35
CA PHE A 198 1.55 -10.62 -18.40
C PHE A 198 1.11 -11.47 -19.60
N LYS A 199 0.83 -12.73 -19.33
CA LYS A 199 0.40 -13.72 -20.30
C LYS A 199 -0.78 -13.22 -21.10
N GLU A 200 -1.65 -12.50 -20.42
CA GLU A 200 -2.76 -11.86 -21.09
C GLU A 200 -2.33 -10.83 -22.14
N LYS A 201 -1.39 -9.97 -21.80
CA LYS A 201 -0.74 -9.06 -22.77
C LYS A 201 0.00 -9.80 -23.90
N MET A 202 0.56 -10.95 -23.55
CA MET A 202 1.32 -11.76 -24.46
C MET A 202 0.44 -12.45 -25.52
N GLU A 203 -0.90 -12.46 -25.34
CA GLU A 203 -1.82 -12.83 -26.42
C GLU A 203 -1.62 -12.01 -27.71
N ASN A 204 -1.06 -10.80 -27.58
CA ASN A 204 -0.80 -9.89 -28.70
C ASN A 204 0.13 -8.74 -28.20
N PHE A 205 1.39 -9.04 -27.87
CA PHE A 205 2.25 -8.07 -27.19
C PHE A 205 2.57 -6.79 -28.01
N ASP A 206 2.64 -5.63 -27.38
CA ASP A 206 2.85 -4.35 -28.04
C ASP A 206 3.88 -3.53 -27.29
N TYR A 207 5.07 -3.39 -27.87
CA TYR A 207 6.16 -2.66 -27.24
C TYR A 207 5.91 -1.19 -27.14
N SER A 208 4.97 -0.66 -27.94
CA SER A 208 4.62 0.73 -27.75
C SER A 208 3.44 0.92 -26.79
N ASN A 209 2.92 -0.14 -26.17
CA ASN A 209 1.90 -0.01 -25.13
C ASN A 209 2.61 0.00 -23.76
N GLU A 210 2.51 1.14 -23.09
CA GLU A 210 3.12 1.43 -21.78
C GLU A 210 2.73 0.38 -20.71
N GLU A 211 1.45 0.00 -20.79
CA GLU A 211 0.95 -1.01 -19.93
C GLU A 211 1.59 -2.39 -20.13
N HIS A 212 1.74 -2.78 -21.41
CA HIS A 212 2.44 -4.00 -21.78
C HIS A 212 3.89 -3.90 -21.25
N MET A 213 4.49 -2.72 -21.44
CA MET A 213 5.86 -2.52 -21.10
C MET A 213 6.14 -2.57 -19.62
N THR A 214 5.19 -2.04 -18.83
CA THR A 214 5.23 -2.10 -17.38
C THR A 214 5.21 -3.51 -16.84
N LEU A 215 4.36 -4.35 -17.45
CA LEU A 215 4.28 -5.77 -17.12
C LEU A 215 5.55 -6.53 -17.53
N LEU A 216 6.06 -6.16 -18.69
CA LEU A 216 7.33 -6.75 -19.11
C LEU A 216 8.45 -6.36 -18.15
N LYS A 217 8.48 -5.13 -17.66
CA LYS A 217 9.58 -4.75 -16.67
C LYS A 217 9.39 -5.42 -15.26
N MET A 218 8.14 -5.47 -14.78
CA MET A 218 7.80 -6.31 -13.59
C MET A 218 8.26 -7.82 -13.75
N ILE A 219 8.04 -8.37 -14.93
CA ILE A 219 8.48 -9.75 -15.20
C ILE A 219 10.02 -9.80 -15.23
N LEU A 220 10.68 -8.74 -15.74
CA LEU A 220 12.13 -8.79 -15.81
C LEU A 220 12.73 -8.76 -14.43
N ILE A 221 12.26 -7.84 -13.59
CA ILE A 221 12.78 -7.76 -12.26
C ILE A 221 12.47 -9.00 -11.42
N LYS A 222 11.31 -9.61 -11.66
CA LYS A 222 10.98 -10.89 -11.04
C LYS A 222 11.85 -12.04 -11.49
N CYS A 223 12.10 -12.12 -12.80
CA CYS A 223 13.10 -13.03 -13.35
C CYS A 223 14.45 -12.89 -12.62
N CYS A 224 14.94 -11.67 -12.59
CA CYS A 224 16.26 -11.43 -12.01
C CYS A 224 16.33 -11.81 -10.51
N ASP A 225 15.26 -11.52 -9.79
CA ASP A 225 15.17 -11.71 -8.39
C ASP A 225 15.23 -13.19 -8.00
N ILE A 226 14.55 -14.06 -8.73
CA ILE A 226 14.47 -15.47 -8.37
C ILE A 226 15.29 -16.38 -9.28
N SER A 227 16.27 -15.83 -9.95
CA SER A 227 17.03 -16.45 -11.07
C SER A 227 18.26 -17.23 -10.63
N ASN A 228 18.50 -17.42 -9.34
CA ASN A 228 19.76 -18.04 -8.92
C ASN A 228 19.98 -19.30 -9.67
N GLU A 229 18.92 -20.11 -9.83
CA GLU A 229 19.06 -21.43 -10.51
C GLU A 229 19.38 -21.42 -12.03
N VAL A 230 19.27 -20.24 -12.62
CA VAL A 230 19.70 -20.00 -14.04
C VAL A 230 21.24 -20.07 -14.15
N ARG A 231 21.92 -19.82 -13.03
CA ARG A 231 23.35 -19.78 -12.99
C ARG A 231 23.98 -21.16 -12.99
N PRO A 232 25.30 -21.24 -13.37
CA PRO A 232 26.00 -22.54 -13.25
C PRO A 232 25.82 -23.14 -11.86
N MET A 233 25.66 -24.44 -11.85
CA MET A 233 25.33 -25.17 -10.67
C MET A 233 26.20 -24.78 -9.48
N GLU A 234 27.50 -24.66 -9.67
CA GLU A 234 28.42 -24.38 -8.54
C GLU A 234 28.20 -23.00 -7.94
N VAL A 235 27.69 -22.09 -8.77
CA VAL A 235 27.24 -20.73 -8.35
C VAL A 235 25.81 -20.73 -7.74
N ALA A 236 24.90 -21.42 -8.42
CA ALA A 236 23.48 -21.50 -7.96
C ALA A 236 23.23 -22.16 -6.59
N GLU A 237 23.81 -23.32 -6.40
CA GLU A 237 23.38 -24.22 -5.34
C GLU A 237 23.63 -23.67 -3.91
N PRO A 238 24.76 -23.00 -3.67
CA PRO A 238 24.96 -22.39 -2.31
C PRO A 238 23.86 -21.43 -1.85
N TRP A 239 23.15 -20.79 -2.81
CA TRP A 239 22.11 -19.82 -2.48
C TRP A 239 20.93 -20.53 -1.83
N VAL A 240 20.66 -21.79 -2.16
CA VAL A 240 19.49 -22.47 -1.59
C VAL A 240 19.67 -22.69 -0.06
N ASP A 241 20.88 -23.05 0.32
CA ASP A 241 21.29 -23.25 1.70
C ASP A 241 21.23 -21.97 2.50
N CYS A 242 21.62 -20.84 1.88
CA CYS A 242 21.46 -19.54 2.56
C CYS A 242 20.02 -19.20 2.80
N LEU A 243 19.18 -19.46 1.81
CA LEU A 243 17.74 -19.24 1.95
C LEU A 243 17.10 -20.11 3.02
N LEU A 244 17.40 -21.40 2.98
CA LEU A 244 16.98 -22.28 4.07
C LEU A 244 17.48 -21.86 5.44
N GLU A 245 18.71 -21.38 5.55
CA GLU A 245 19.16 -20.81 6.85
C GLU A 245 18.16 -19.74 7.34
N GLU A 246 17.77 -18.85 6.42
CA GLU A 246 16.93 -17.71 6.77
C GLU A 246 15.59 -18.22 7.18
N TYR A 247 15.04 -19.12 6.38
CA TYR A 247 13.76 -19.71 6.60
C TYR A 247 13.70 -20.51 7.89
N PHE A 248 14.77 -21.22 8.23
CA PHE A 248 14.76 -21.97 9.49
C PHE A 248 14.78 -21.07 10.74
N MET A 249 15.58 -20.01 10.64
CA MET A 249 15.52 -18.91 11.62
C MET A 249 14.08 -18.43 11.89
N GLN A 250 13.34 -18.21 10.82
CA GLN A 250 11.97 -17.71 10.91
C GLN A 250 11.05 -18.76 11.50
N SER A 251 11.07 -19.98 10.99
CA SER A 251 10.14 -21.01 11.54
C SER A 251 10.43 -21.43 13.02
N ASP A 252 11.70 -21.52 13.40
CA ASP A 252 12.07 -21.60 14.82
C ASP A 252 11.35 -20.60 15.72
N ARG A 253 11.51 -19.33 15.33
CA ARG A 253 10.89 -18.19 15.99
C ARG A 253 9.39 -18.31 15.95
N GLU A 254 8.83 -18.65 14.82
CA GLU A 254 7.38 -18.81 14.73
C GLU A 254 6.88 -19.92 15.71
N LYS A 255 7.57 -21.05 15.71
CA LYS A 255 7.19 -22.16 16.63
C LYS A 255 7.16 -21.62 18.07
N SER A 256 8.30 -21.04 18.44
CA SER A 256 8.51 -20.51 19.74
C SER A 256 7.47 -19.38 20.14
N GLU A 257 7.06 -18.52 19.20
CA GLU A 257 6.07 -17.49 19.50
C GLU A 257 4.62 -17.98 19.23
N GLY A 258 4.46 -19.25 18.84
CA GLY A 258 3.13 -19.82 18.67
C GLY A 258 2.47 -19.45 17.35
N LEU A 259 3.29 -19.07 16.37
CA LEU A 259 2.76 -18.66 15.06
C LEU A 259 2.86 -19.79 14.04
N PRO A 260 1.99 -19.76 13.00
CA PRO A 260 1.95 -20.75 11.95
C PRO A 260 3.31 -20.83 11.18
N VAL A 261 3.76 -22.06 10.89
CA VAL A 261 5.03 -22.32 10.19
C VAL A 261 4.66 -22.72 8.77
N ALA A 262 5.35 -22.15 7.79
CA ALA A 262 5.20 -22.60 6.38
C ALA A 262 5.92 -23.98 6.24
N PRO A 263 5.27 -24.94 5.54
CA PRO A 263 5.86 -26.29 5.39
C PRO A 263 7.22 -26.22 4.74
N PHE A 264 7.34 -25.26 3.79
CA PHE A 264 8.61 -25.02 3.08
C PHE A 264 9.66 -24.31 3.94
N MET A 265 9.30 -23.99 5.20
CA MET A 265 10.30 -23.56 6.20
C MET A 265 10.43 -24.53 7.36
N ASP A 266 9.74 -25.65 7.26
CA ASP A 266 9.73 -26.64 8.32
C ASP A 266 10.90 -27.61 8.15
N ARG A 267 11.85 -27.57 9.09
CA ARG A 267 13.02 -28.43 9.03
C ARG A 267 12.67 -29.90 8.81
N ASP A 268 11.47 -30.30 9.23
CA ASP A 268 11.09 -31.70 9.11
C ASP A 268 10.34 -32.01 7.82
N LYS A 269 9.99 -30.99 7.04
CA LYS A 269 9.28 -31.21 5.79
C LYS A 269 10.09 -30.83 4.56
N VAL A 270 10.74 -29.68 4.53
CA VAL A 270 11.52 -29.30 3.33
C VAL A 270 12.80 -30.07 3.19
N THR A 271 13.11 -30.35 1.93
CA THR A 271 14.48 -30.62 1.51
C THR A 271 14.81 -29.68 0.44
N LYS A 272 16.08 -29.34 0.34
CA LYS A 272 16.57 -28.54 -0.79
C LYS A 272 16.16 -29.09 -2.18
N ALA A 273 16.36 -30.39 -2.42
CA ALA A 273 16.08 -31.00 -3.72
C ALA A 273 14.61 -30.88 -4.09
N THR A 274 13.75 -31.12 -3.12
CA THR A 274 12.33 -31.19 -3.44
C THR A 274 11.81 -29.79 -3.53
N ALA A 275 12.28 -28.91 -2.67
CA ALA A 275 11.90 -27.50 -2.79
C ALA A 275 12.29 -26.88 -4.19
N GLN A 276 13.52 -27.11 -4.62
CA GLN A 276 14.00 -26.64 -5.91
C GLN A 276 13.34 -27.30 -7.14
N ILE A 277 13.14 -28.59 -7.11
CA ILE A 277 12.39 -29.23 -8.19
C ILE A 277 11.02 -28.52 -8.37
N GLY A 278 10.31 -28.30 -7.26
CA GLY A 278 9.02 -27.66 -7.33
C GLY A 278 9.14 -26.25 -7.89
N PHE A 279 10.05 -25.48 -7.34
CA PHE A 279 10.19 -24.07 -7.75
C PHE A 279 10.62 -23.89 -9.20
N ILE A 280 11.51 -24.79 -9.65
CA ILE A 280 12.00 -24.78 -11.01
C ILE A 280 10.90 -25.14 -11.99
N LYS A 281 10.23 -26.25 -11.73
CA LYS A 281 9.19 -26.75 -12.64
C LYS A 281 7.96 -25.84 -12.69
N PHE A 282 7.54 -25.38 -11.52
CA PHE A 282 6.27 -24.67 -11.41
C PHE A 282 6.31 -23.15 -11.35
N VAL A 283 7.46 -22.57 -11.03
CA VAL A 283 7.62 -21.10 -11.06
C VAL A 283 8.62 -20.61 -12.16
N LEU A 284 9.87 -21.10 -12.09
CA LEU A 284 10.90 -20.58 -12.92
C LEU A 284 10.74 -20.93 -14.39
N ILE A 285 10.65 -22.19 -14.68
CA ILE A 285 10.48 -22.59 -16.12
C ILE A 285 9.27 -21.90 -16.77
N PRO A 286 8.10 -21.99 -16.17
CA PRO A 286 7.00 -21.35 -16.85
C PRO A 286 7.18 -19.84 -17.09
N MET A 287 7.79 -19.16 -16.11
CA MET A 287 8.00 -17.74 -16.28
C MET A 287 8.93 -17.41 -17.46
N PHE A 288 10.08 -18.05 -17.48
CA PHE A 288 11.04 -17.93 -18.56
C PHE A 288 10.52 -18.44 -19.91
N GLU A 289 9.59 -19.40 -19.91
CA GLU A 289 8.91 -19.81 -21.14
C GLU A 289 8.13 -18.62 -21.73
N THR A 290 7.38 -17.91 -20.89
CA THR A 290 6.63 -16.82 -21.45
C THR A 290 7.60 -15.76 -22.04
N VAL A 291 8.72 -15.53 -21.35
CA VAL A 291 9.66 -14.49 -21.75
C VAL A 291 10.37 -14.86 -23.08
N THR A 292 10.62 -16.17 -23.22
CA THR A 292 11.23 -16.73 -24.41
C THR A 292 10.42 -16.48 -25.70
N LYS A 293 9.12 -16.30 -25.59
CA LYS A 293 8.32 -15.92 -26.77
C LYS A 293 8.71 -14.55 -27.35
N LEU A 294 9.00 -13.61 -26.46
CA LEU A 294 9.60 -12.29 -26.80
C LEU A 294 11.07 -12.32 -27.11
N PHE A 295 11.84 -13.04 -26.27
CA PHE A 295 13.31 -13.11 -26.41
C PHE A 295 13.76 -14.54 -26.58
N PRO A 296 13.83 -15.01 -27.83
CA PRO A 296 14.10 -16.45 -28.08
C PRO A 296 15.46 -16.99 -27.56
N MET A 297 16.46 -16.11 -27.45
CA MET A 297 17.75 -16.48 -26.97
C MET A 297 17.75 -16.86 -25.48
N VAL A 298 16.67 -16.48 -24.79
CA VAL A 298 16.52 -16.80 -23.38
C VAL A 298 16.45 -18.36 -23.21
N GLU A 299 15.93 -19.07 -24.21
CA GLU A 299 15.79 -20.53 -24.04
C GLU A 299 17.14 -21.20 -23.80
N GLU A 300 18.11 -20.89 -24.64
CA GLU A 300 19.39 -21.54 -24.59
C GLU A 300 20.19 -21.10 -23.39
N ILE A 301 20.09 -19.83 -22.99
CA ILE A 301 21.00 -19.25 -22.02
C ILE A 301 20.43 -19.37 -20.60
N MET A 302 19.13 -19.58 -20.48
CA MET A 302 18.49 -19.60 -19.15
C MET A 302 17.56 -20.74 -18.87
N LEU A 303 16.80 -21.16 -19.87
CA LEU A 303 16.02 -22.39 -19.74
C LEU A 303 16.87 -23.63 -19.68
N GLN A 304 17.90 -23.74 -20.50
CA GLN A 304 18.71 -24.95 -20.47
C GLN A 304 19.28 -25.29 -19.09
N PRO A 305 19.95 -24.31 -18.45
CA PRO A 305 20.47 -24.48 -17.12
C PRO A 305 19.38 -24.86 -16.12
N LEU A 306 18.17 -24.37 -16.30
CA LEU A 306 17.11 -24.70 -15.44
C LEU A 306 16.68 -26.13 -15.62
N TRP A 307 16.66 -26.60 -16.86
CA TRP A 307 16.38 -28.02 -17.07
C TRP A 307 17.43 -28.88 -16.44
N GLU A 308 18.67 -28.48 -16.63
CA GLU A 308 19.79 -29.20 -16.04
C GLU A 308 19.75 -29.24 -14.49
N SER A 309 19.27 -28.15 -13.89
CA SER A 309 19.21 -28.04 -12.46
C SER A 309 18.15 -28.98 -11.92
N ARG A 310 16.95 -28.89 -12.50
CA ARG A 310 15.82 -29.73 -12.16
C ARG A 310 16.27 -31.20 -12.17
N ASP A 311 17.00 -31.58 -13.22
CA ASP A 311 17.38 -32.97 -13.40
C ASP A 311 18.35 -33.48 -12.35
N ARG A 312 19.28 -32.60 -12.01
CA ARG A 312 20.24 -32.86 -11.01
C ARG A 312 19.63 -32.93 -9.57
N TYR A 313 18.72 -32.04 -9.26
CA TYR A 313 18.00 -32.18 -8.01
C TYR A 313 17.17 -33.45 -7.92
N GLU A 314 16.65 -33.90 -9.07
CA GLU A 314 15.92 -35.17 -9.11
C GLU A 314 16.83 -36.29 -8.70
N GLU A 315 18.06 -36.26 -9.22
CA GLU A 315 19.11 -37.20 -8.82
C GLU A 315 19.40 -37.11 -7.29
N LEU A 316 19.68 -35.91 -6.82
CA LEU A 316 19.93 -35.68 -5.38
C LEU A 316 18.81 -36.18 -4.48
N LYS A 317 17.57 -35.95 -4.92
CA LYS A 317 16.41 -36.41 -4.22
C LYS A 317 16.37 -37.91 -4.05
N ARG A 318 16.62 -38.68 -5.12
CA ARG A 318 16.70 -40.16 -5.10
C ARG A 318 17.67 -40.58 -3.94
N ILE A 319 18.71 -39.80 -3.77
CA ILE A 319 19.66 -40.06 -2.72
C ILE A 319 19.30 -39.61 -1.29
N ASP A 320 18.73 -38.40 -1.13
CA ASP A 320 18.15 -37.98 0.15
C ASP A 320 17.12 -39.02 0.64
N ASP A 321 16.31 -39.51 -0.32
CA ASP A 321 15.30 -40.48 -0.08
C ASP A 321 15.87 -41.80 0.47
N ALA A 322 16.99 -42.24 -0.08
CA ALA A 322 17.63 -43.45 0.38
C ALA A 322 18.20 -43.24 1.78
N MET A 323 18.76 -42.08 2.00
CA MET A 323 19.26 -41.74 3.29
C MET A 323 18.15 -41.86 4.31
N LYS A 324 17.03 -41.20 4.11
CA LYS A 324 15.84 -41.38 4.96
C LYS A 324 15.39 -42.84 5.11
N GLU A 325 15.58 -43.69 4.11
CA GLU A 325 15.26 -45.15 4.21
C GLU A 325 16.13 -45.91 5.24
N LEU A 326 17.18 -45.22 5.74
CA LEU A 326 18.12 -45.75 6.74
C LEU A 326 17.83 -45.20 8.11
N GLN A 327 16.84 -44.31 8.23
CA GLN A 327 16.68 -43.51 9.44
C GLN A 327 15.36 -43.65 10.27
N LYS A 328 14.74 -44.81 10.28
CA LYS A 328 13.60 -44.97 11.22
C LYS A 328 13.43 -46.36 11.82
N GLY B 1 -36.13 16.34 31.41
CA GLY B 1 -37.32 15.54 31.91
C GLY B 1 -37.23 14.87 33.29
N SER B 2 -35.99 14.73 33.82
CA SER B 2 -35.76 13.96 35.08
C SER B 2 -35.84 14.72 36.44
N HIS B 3 -35.99 13.98 37.53
CA HIS B 3 -36.20 14.58 38.85
C HIS B 3 -34.95 15.31 39.51
N MET B 4 -33.81 15.16 38.85
CA MET B 4 -32.55 15.73 39.30
C MET B 4 -31.75 15.85 38.03
N THR B 5 -30.65 16.60 38.14
CA THR B 5 -29.78 16.94 37.01
C THR B 5 -28.59 15.99 37.01
N TYR B 6 -28.26 15.49 35.83
CA TYR B 6 -27.12 14.57 35.73
C TYR B 6 -26.00 15.23 34.93
N PRO B 7 -24.77 14.89 35.23
CA PRO B 7 -23.67 15.34 34.41
C PRO B 7 -23.88 15.13 32.91
N LYS B 8 -23.30 16.01 32.11
CA LYS B 8 -23.50 16.02 30.67
C LYS B 8 -23.08 14.68 30.02
N TYR B 9 -22.01 14.11 30.60
CA TYR B 9 -21.47 12.83 30.13
C TYR B 9 -22.38 11.62 30.46
N LEU B 10 -23.43 11.82 31.24
CA LEU B 10 -24.54 10.86 31.31
C LEU B 10 -25.59 11.34 30.34
N LEU B 11 -25.67 10.71 29.18
CA LEU B 11 -26.56 11.16 28.12
C LEU B 11 -27.98 11.03 28.58
N SER B 12 -28.76 12.09 28.36
CA SER B 12 -30.18 12.00 28.65
C SER B 12 -30.91 10.98 27.67
N PRO B 13 -32.04 10.41 28.11
CA PRO B 13 -32.89 9.56 27.24
C PRO B 13 -33.17 10.12 25.89
N GLU B 14 -33.44 11.41 25.86
CA GLU B 14 -33.73 12.12 24.62
C GLU B 14 -32.53 12.14 23.72
N THR B 15 -31.35 12.45 24.21
CA THR B 15 -30.11 12.42 23.39
C THR B 15 -29.92 11.02 22.81
N ILE B 16 -30.16 10.03 23.62
CA ILE B 16 -30.05 8.62 23.21
C ILE B 16 -30.98 8.25 22.02
N GLU B 17 -32.26 8.62 22.08
CA GLU B 17 -33.06 8.40 20.91
C GLU B 17 -32.67 9.27 19.71
N ALA B 18 -32.29 10.52 19.96
CA ALA B 18 -32.00 11.43 18.88
C ALA B 18 -30.73 11.00 18.12
N LEU B 19 -29.80 10.39 18.86
CA LEU B 19 -28.55 9.91 18.30
C LEU B 19 -28.66 8.92 17.11
N ARG B 20 -29.82 8.34 16.93
CA ARG B 20 -30.05 7.36 15.86
C ARG B 20 -30.51 7.86 14.54
N LYS B 21 -30.71 9.16 14.42
CA LYS B 21 -31.23 9.73 13.23
C LYS B 21 -30.18 10.71 12.72
N PRO B 22 -30.08 10.83 11.38
CA PRO B 22 -29.14 11.68 10.59
C PRO B 22 -29.30 13.19 10.86
N THR B 23 -30.34 13.45 11.61
CA THR B 23 -30.79 14.75 12.00
C THR B 23 -30.10 15.33 13.27
N PHE B 24 -29.36 14.47 13.97
CA PHE B 24 -28.63 14.81 15.19
C PHE B 24 -27.69 16.00 15.02
N ASP B 25 -27.83 17.03 15.87
CA ASP B 25 -26.97 18.23 15.82
C ASP B 25 -25.64 17.97 16.51
N VAL B 26 -24.69 17.58 15.67
CA VAL B 26 -23.32 17.33 16.05
C VAL B 26 -22.58 18.50 16.66
N TRP B 27 -23.07 19.73 16.43
CA TRP B 27 -22.46 20.94 16.98
C TRP B 27 -22.74 21.21 18.47
N LEU B 28 -23.75 20.55 19.05
CA LEU B 28 -24.14 20.82 20.41
C LEU B 28 -23.25 20.23 21.46
N TRP B 29 -22.35 19.38 21.11
CA TRP B 29 -21.76 18.50 22.11
C TRP B 29 -20.32 18.76 22.33
N GLU B 30 -19.92 18.66 23.58
CA GLU B 30 -18.50 18.67 23.91
C GLU B 30 -17.79 17.36 23.64
N PRO B 31 -16.46 17.36 23.55
CA PRO B 31 -15.80 16.06 23.34
C PRO B 31 -16.20 14.86 24.25
N ASN B 32 -16.34 15.17 25.54
CA ASN B 32 -16.68 14.15 26.55
C ASN B 32 -18.08 13.63 26.27
N GLU B 33 -18.99 14.49 25.82
CA GLU B 33 -20.33 14.05 25.44
C GLU B 33 -20.34 13.21 24.16
N MET B 34 -19.57 13.63 23.15
CA MET B 34 -19.37 12.85 21.93
C MET B 34 -18.79 11.47 22.22
N LEU B 35 -17.83 11.45 23.16
CA LEU B 35 -17.24 10.19 23.61
C LEU B 35 -18.23 9.27 24.25
N SER B 36 -19.15 9.86 25.02
CA SER B 36 -20.23 9.05 25.66
C SER B 36 -21.17 8.52 24.62
N CYS B 37 -21.43 9.34 23.61
CA CYS B 37 -22.23 8.90 22.47
C CYS B 37 -21.63 7.71 21.76
N LEU B 38 -20.33 7.77 21.49
CA LEU B 38 -19.70 6.64 20.78
C LEU B 38 -19.71 5.36 21.60
N GLU B 39 -19.38 5.50 22.87
CA GLU B 39 -19.47 4.41 23.82
C GLU B 39 -20.86 3.77 23.75
N HIS B 40 -21.90 4.60 23.83
CA HIS B 40 -23.28 4.11 23.76
C HIS B 40 -23.59 3.32 22.49
N MET B 41 -23.10 3.82 21.34
CA MET B 41 -23.31 3.08 20.10
C MET B 41 -22.75 1.66 20.18
N TYR B 42 -21.62 1.46 20.85
CA TYR B 42 -21.01 0.11 20.88
C TYR B 42 -21.87 -0.83 21.73
N HIS B 43 -22.41 -0.28 22.81
CA HIS B 43 -23.27 -1.07 23.69
C HIS B 43 -24.59 -1.37 23.01
N ASP B 44 -25.22 -0.31 22.50
CA ASP B 44 -26.51 -0.38 21.83
C ASP B 44 -26.60 -1.30 20.59
N LEU B 45 -25.55 -1.27 19.79
CA LEU B 45 -25.43 -2.19 18.61
C LEU B 45 -25.11 -3.64 18.98
N GLY B 46 -24.91 -3.91 20.27
CA GLY B 46 -24.56 -5.24 20.73
C GLY B 46 -23.14 -5.64 20.56
N LEU B 47 -22.27 -4.68 20.33
CA LEU B 47 -20.90 -5.03 19.98
C LEU B 47 -20.08 -5.34 21.24
N VAL B 48 -20.39 -4.62 22.32
CA VAL B 48 -19.80 -4.92 23.61
C VAL B 48 -20.13 -6.37 24.03
N ARG B 49 -21.40 -6.68 23.99
CA ARG B 49 -21.85 -8.03 24.15
C ARG B 49 -21.25 -9.05 23.17
N ASP B 50 -21.34 -8.84 21.85
CA ASP B 50 -21.01 -9.96 20.99
C ASP B 50 -19.49 -10.16 20.85
N PHE B 51 -18.70 -9.17 21.18
CA PHE B 51 -17.24 -9.32 21.14
C PHE B 51 -16.52 -9.23 22.50
N SER B 52 -17.28 -9.37 23.58
CA SER B 52 -16.73 -9.37 24.94
C SER B 52 -15.79 -8.21 25.16
N ILE B 53 -16.17 -7.02 24.70
CA ILE B 53 -15.31 -5.84 24.84
C ILE B 53 -15.40 -5.42 26.31
N ASN B 54 -14.26 -5.27 26.99
CA ASN B 54 -14.19 -4.69 28.37
C ASN B 54 -14.69 -3.26 28.19
N PRO B 55 -15.76 -2.95 28.91
CA PRO B 55 -16.37 -1.64 28.90
C PRO B 55 -15.40 -0.53 29.29
N VAL B 56 -14.47 -0.78 30.18
CA VAL B 56 -13.47 0.26 30.49
C VAL B 56 -12.45 0.42 29.33
N THR B 57 -12.03 -0.69 28.79
CA THR B 57 -11.16 -0.66 27.68
C THR B 57 -11.79 0.12 26.53
N LEU B 58 -13.06 -0.14 26.25
CA LEU B 58 -13.79 0.68 25.28
C LEU B 58 -13.69 2.18 25.49
N ARG B 59 -13.85 2.64 26.70
CA ARG B 59 -13.64 4.07 26.97
C ARG B 59 -12.18 4.53 26.87
N ARG B 60 -11.23 3.73 27.32
CA ARG B 60 -9.82 4.13 27.18
C ARG B 60 -9.48 4.28 25.70
N TRP B 61 -9.98 3.31 24.93
CA TRP B 61 -9.77 3.27 23.51
C TRP B 61 -10.35 4.51 22.85
N LEU B 62 -11.63 4.77 23.09
CA LEU B 62 -12.24 6.05 22.61
C LEU B 62 -11.49 7.39 23.00
N PHE B 63 -11.02 7.49 24.23
CA PHE B 63 -10.27 8.59 24.70
C PHE B 63 -8.92 8.71 23.97
N CYS B 64 -8.25 7.59 23.84
CA CYS B 64 -7.04 7.54 23.04
C CYS B 64 -7.28 7.93 21.55
N VAL B 65 -8.32 7.39 20.96
CA VAL B 65 -8.67 7.79 19.61
C VAL B 65 -8.87 9.32 19.55
N HIS B 66 -9.69 9.82 20.44
CA HIS B 66 -9.87 11.27 20.57
C HIS B 66 -8.53 12.05 20.66
N ASP B 67 -7.61 11.56 21.46
CA ASP B 67 -6.34 12.25 21.59
C ASP B 67 -5.55 12.28 20.27
N ASN B 68 -5.71 11.28 19.45
CA ASN B 68 -4.92 11.19 18.23
C ASN B 68 -5.59 11.77 16.98
N TYR B 69 -6.78 12.38 17.17
CA TYR B 69 -7.28 13.38 16.26
C TYR B 69 -6.61 14.75 16.51
N ARG B 70 -6.23 15.42 15.44
CA ARG B 70 -5.66 16.76 15.55
C ARG B 70 -6.70 17.89 15.52
N ASN B 71 -6.30 19.08 16.00
CA ASN B 71 -7.19 20.23 16.05
C ASN B 71 -7.18 21.04 14.79
N ASN B 72 -7.61 20.34 13.74
CA ASN B 72 -7.76 20.83 12.42
C ASN B 72 -9.14 21.51 12.30
N PRO B 73 -9.23 22.45 11.37
CA PRO B 73 -10.60 23.05 11.16
C PRO B 73 -11.67 22.04 10.67
N PHE B 74 -11.28 21.05 9.86
CA PHE B 74 -12.27 20.08 9.38
C PHE B 74 -12.07 18.65 9.85
N HIS B 75 -10.83 18.20 9.67
CA HIS B 75 -10.42 16.81 9.89
C HIS B 75 -9.99 16.62 11.34
N ASN B 76 -11.02 16.71 12.20
CA ASN B 76 -10.89 16.77 13.64
C ASN B 76 -11.77 15.65 14.30
N PHE B 77 -11.77 15.62 15.63
CA PHE B 77 -12.53 14.61 16.33
C PHE B 77 -14.04 14.81 16.11
N ARG B 78 -14.53 16.04 15.94
CA ARG B 78 -15.96 16.20 15.66
C ARG B 78 -16.37 15.56 14.28
N HIS B 79 -15.47 15.66 13.30
CA HIS B 79 -15.70 15.01 12.01
C HIS B 79 -15.84 13.46 12.17
N CYS B 80 -14.91 12.92 12.92
CA CYS B 80 -14.94 11.52 13.22
C CYS B 80 -16.27 11.15 13.85
N PHE B 81 -16.69 11.96 14.83
CA PHE B 81 -17.97 11.77 15.45
C PHE B 81 -19.10 11.80 14.41
N CYS B 82 -19.13 12.79 13.50
CA CYS B 82 -20.08 12.78 12.38
C CYS B 82 -20.13 11.52 11.56
N VAL B 83 -18.96 11.04 11.20
CA VAL B 83 -18.90 9.93 10.25
C VAL B 83 -19.48 8.68 10.94
N ALA B 84 -19.12 8.52 12.21
CA ALA B 84 -19.58 7.42 13.01
C ALA B 84 -21.06 7.51 13.30
N GLN B 85 -21.49 8.71 13.60
CA GLN B 85 -22.86 8.96 13.93
C GLN B 85 -23.77 8.74 12.71
N MET B 86 -23.28 9.10 11.52
CA MET B 86 -24.02 8.81 10.29
C MET B 86 -24.06 7.29 10.03
N MET B 87 -22.95 6.61 10.29
CA MET B 87 -22.91 5.16 10.12
C MET B 87 -23.97 4.44 11.00
N TYR B 88 -23.93 4.81 12.26
CA TYR B 88 -24.91 4.40 13.22
C TYR B 88 -26.32 4.71 12.80
N SER B 89 -26.59 5.93 12.32
CA SER B 89 -27.91 6.28 11.70
C SER B 89 -28.30 5.33 10.58
N MET B 90 -27.32 5.03 9.70
CA MET B 90 -27.60 4.14 8.57
C MET B 90 -27.85 2.68 8.95
N VAL B 91 -27.20 2.25 10.02
CA VAL B 91 -27.51 0.99 10.59
C VAL B 91 -28.99 0.80 10.86
N TRP B 92 -29.57 1.77 11.53
CA TRP B 92 -30.99 1.72 11.89
C TRP B 92 -31.85 1.96 10.72
N LEU B 93 -31.51 2.98 9.94
CA LEU B 93 -32.34 3.37 8.82
C LEU B 93 -32.45 2.24 7.77
N CYS B 94 -31.34 1.55 7.52
CA CYS B 94 -31.28 0.57 6.48
C CYS B 94 -31.44 -0.84 7.04
N SER B 95 -31.74 -0.94 8.33
CA SER B 95 -31.86 -2.24 9.04
C SER B 95 -30.69 -3.14 8.66
N LEU B 96 -29.48 -2.60 8.89
CA LEU B 96 -28.27 -3.23 8.46
C LEU B 96 -27.98 -4.50 9.22
N GLN B 97 -28.55 -4.63 10.43
CA GLN B 97 -28.45 -5.85 11.26
C GLN B 97 -29.20 -7.09 10.67
N GLU B 98 -30.16 -6.86 9.80
CA GLU B 98 -30.70 -7.93 8.93
C GLU B 98 -29.72 -8.45 7.92
N LYS B 99 -28.89 -7.58 7.37
CA LYS B 99 -28.14 -7.87 6.16
C LYS B 99 -26.68 -8.25 6.51
N PHE B 100 -26.17 -7.69 7.59
CA PHE B 100 -24.78 -7.85 7.96
C PHE B 100 -24.57 -8.55 9.27
N SER B 101 -23.45 -9.27 9.35
CA SER B 101 -23.01 -9.93 10.57
C SER B 101 -22.61 -8.88 11.54
N GLN B 102 -22.43 -9.29 12.78
CA GLN B 102 -22.01 -8.35 13.80
C GLN B 102 -20.55 -7.93 13.56
N THR B 103 -19.75 -8.87 13.09
CA THR B 103 -18.38 -8.58 12.67
C THR B 103 -18.40 -7.44 11.64
N ASP B 104 -19.30 -7.48 10.66
CA ASP B 104 -19.34 -6.42 9.65
C ASP B 104 -19.78 -5.10 10.25
N ILE B 105 -20.75 -5.16 11.16
CA ILE B 105 -21.17 -3.91 11.85
C ILE B 105 -19.98 -3.29 12.63
N LEU B 106 -19.19 -4.15 13.25
CA LEU B 106 -18.04 -3.76 14.03
C LEU B 106 -16.96 -3.06 13.17
N ILE B 107 -16.63 -3.73 12.07
CA ILE B 107 -15.76 -3.19 11.07
C ILE B 107 -16.24 -1.77 10.62
N LEU B 108 -17.50 -1.65 10.26
CA LEU B 108 -18.03 -0.41 9.76
C LEU B 108 -17.88 0.72 10.76
N MET B 109 -18.29 0.46 12.00
CA MET B 109 -18.17 1.44 13.07
C MET B 109 -16.74 1.80 13.45
N THR B 110 -15.93 0.78 13.60
CA THR B 110 -14.57 1.01 14.05
C THR B 110 -13.78 1.74 12.94
N ALA B 111 -14.01 1.37 11.69
CA ALA B 111 -13.36 2.10 10.60
C ALA B 111 -13.82 3.55 10.52
N ALA B 112 -15.10 3.78 10.73
CA ALA B 112 -15.67 5.16 10.72
C ALA B 112 -15.03 6.03 11.78
N ILE B 113 -14.89 5.47 12.97
CA ILE B 113 -14.22 6.16 14.06
C ILE B 113 -12.74 6.46 13.76
N CYS B 114 -12.08 5.52 13.14
CA CYS B 114 -10.62 5.61 13.01
C CYS B 114 -10.10 6.22 11.72
N HIS B 115 -10.99 6.44 10.76
CA HIS B 115 -10.59 6.65 9.36
C HIS B 115 -9.75 7.90 9.05
N ASP B 116 -9.67 8.83 9.97
CA ASP B 116 -8.97 10.10 9.76
C ASP B 116 -7.97 10.40 10.88
N LEU B 117 -7.53 9.34 11.50
CA LEU B 117 -6.66 9.43 12.68
C LEU B 117 -5.37 10.19 12.28
N ASP B 118 -5.02 11.17 13.13
CA ASP B 118 -3.80 11.93 12.97
C ASP B 118 -3.67 12.61 11.57
N HIS B 119 -4.76 13.16 11.07
CA HIS B 119 -4.75 13.84 9.81
C HIS B 119 -3.95 15.15 10.01
N PRO B 120 -3.02 15.44 9.10
CA PRO B 120 -2.21 16.67 9.27
C PRO B 120 -2.84 17.99 8.78
N GLY B 121 -3.97 17.92 8.04
CA GLY B 121 -4.71 19.15 7.54
C GLY B 121 -4.28 19.64 6.15
N TYR B 122 -3.57 18.74 5.46
CA TYR B 122 -2.95 18.89 4.14
C TYR B 122 -3.12 17.52 3.46
N ASN B 123 -3.68 17.56 2.30
CA ASN B 123 -4.14 16.31 1.64
C ASN B 123 -2.99 15.55 0.99
N ASN B 124 -3.32 14.39 0.39
CA ASN B 124 -2.36 13.49 -0.24
C ASN B 124 -1.54 14.23 -1.33
N THR B 125 -2.18 15.15 -2.01
CA THR B 125 -1.48 15.83 -3.08
C THR B 125 -0.41 16.71 -2.54
N TYR B 126 -0.69 17.40 -1.43
CA TYR B 126 0.40 18.14 -0.77
C TYR B 126 1.57 17.18 -0.35
N GLN B 127 1.21 16.05 0.28
CA GLN B 127 2.20 15.08 0.76
C GLN B 127 3.14 14.62 -0.37
N ILE B 128 2.50 14.30 -1.48
CA ILE B 128 3.19 13.86 -2.64
C ILE B 128 4.03 14.94 -3.28
N ASN B 129 3.43 16.11 -3.53
CA ASN B 129 4.17 17.18 -4.18
C ASN B 129 5.32 17.72 -3.34
N ALA B 130 5.09 17.83 -2.04
CA ALA B 130 6.08 18.29 -1.13
C ALA B 130 7.10 17.20 -0.77
N ARG B 131 6.81 15.95 -1.20
CA ARG B 131 7.64 14.79 -0.89
C ARG B 131 7.85 14.63 0.60
N THR B 132 6.77 14.60 1.35
CA THR B 132 6.83 14.50 2.79
C THR B 132 7.25 13.09 3.28
N GLU B 133 7.57 13.00 4.56
CA GLU B 133 7.86 11.72 5.15
C GLU B 133 6.80 10.70 4.93
N LEU B 134 5.55 11.13 5.06
CA LEU B 134 4.39 10.24 4.73
C LEU B 134 4.39 9.78 3.30
N ALA B 135 4.58 10.71 2.37
CA ALA B 135 4.64 10.34 0.95
C ALA B 135 5.78 9.37 0.65
N VAL B 136 6.96 9.64 1.16
CA VAL B 136 8.08 8.77 0.97
C VAL B 136 7.85 7.45 1.72
N ARG B 137 7.26 7.49 2.92
CA ARG B 137 7.00 6.24 3.69
C ARG B 137 6.06 5.29 2.90
N TYR B 138 5.08 5.88 2.20
CA TYR B 138 3.97 5.11 1.59
C TYR B 138 4.04 5.04 0.05
N ASN B 139 5.15 5.51 -0.49
CA ASN B 139 5.42 5.37 -1.90
C ASN B 139 4.38 6.02 -2.78
N ASP B 140 3.95 7.19 -2.31
CA ASP B 140 2.92 8.01 -2.90
C ASP B 140 1.55 7.32 -3.04
N ILE B 141 1.31 6.22 -2.37
CA ILE B 141 0.06 5.46 -2.46
C ILE B 141 -0.78 5.77 -1.23
N SER B 142 -1.93 6.44 -1.45
CA SER B 142 -2.81 6.90 -0.39
C SER B 142 -2.09 7.15 0.96
N PRO B 143 -1.12 8.04 0.98
CA PRO B 143 -0.29 8.10 2.19
C PRO B 143 -1.05 8.41 3.49
N LEU B 144 -2.02 9.31 3.40
CA LEU B 144 -2.79 9.70 4.59
C LEU B 144 -3.67 8.53 5.10
N GLU B 145 -4.38 7.89 4.18
CA GLU B 145 -5.30 6.83 4.57
C GLU B 145 -4.51 5.66 5.09
N ASN B 146 -3.37 5.35 4.45
CA ASN B 146 -2.45 4.38 5.02
C ASN B 146 -2.08 4.75 6.44
N HIS B 147 -1.88 6.04 6.66
CA HIS B 147 -1.39 6.50 7.94
C HIS B 147 -2.47 6.43 9.01
N HIS B 148 -3.67 6.87 8.65
CA HIS B 148 -4.85 6.81 9.52
C HIS B 148 -5.02 5.38 10.00
N CYS B 149 -4.90 4.46 9.04
CA CYS B 149 -5.12 3.04 9.34
C CYS B 149 -4.00 2.46 10.25
N ALA B 150 -2.75 2.84 10.02
CA ALA B 150 -1.65 2.46 10.85
C ALA B 150 -1.77 2.96 12.30
N VAL B 151 -2.16 4.19 12.43
CA VAL B 151 -2.33 4.76 13.75
C VAL B 151 -3.47 4.05 14.50
N ALA B 152 -4.55 3.74 13.79
CA ALA B 152 -5.66 2.93 14.39
C ALA B 152 -5.16 1.65 15.06
N PHE B 153 -4.21 0.98 14.42
CA PHE B 153 -3.75 -0.33 14.90
C PHE B 153 -2.63 -0.20 15.87
N GLN B 154 -1.89 0.92 15.81
CA GLN B 154 -0.96 1.30 16.88
C GLN B 154 -1.71 1.49 18.21
N ILE B 155 -2.84 2.13 18.12
CA ILE B 155 -3.73 2.32 19.29
C ILE B 155 -4.27 1.04 19.84
N LEU B 156 -4.82 0.23 18.96
CA LEU B 156 -5.34 -1.06 19.37
C LEU B 156 -4.33 -2.03 19.89
N ALA B 157 -3.08 -1.87 19.50
CA ALA B 157 -2.03 -2.73 20.01
C ALA B 157 -1.59 -2.32 21.41
N GLU B 158 -1.93 -1.12 21.84
CA GLU B 158 -1.75 -0.77 23.29
C GLU B 158 -2.76 -1.55 24.14
N PRO B 159 -2.28 -2.43 25.04
CA PRO B 159 -3.20 -3.39 25.65
C PRO B 159 -4.42 -2.76 26.41
N GLU B 160 -4.20 -1.59 27.03
CA GLU B 160 -5.29 -0.84 27.70
C GLU B 160 -6.35 -0.29 26.76
N CYS B 161 -6.01 -0.27 25.47
CA CYS B 161 -6.90 0.19 24.44
C CYS B 161 -7.44 -0.84 23.48
N ASN B 162 -7.10 -2.10 23.70
CA ASN B 162 -7.39 -3.10 22.73
C ASN B 162 -8.79 -3.67 22.97
N ILE B 163 -9.74 -3.00 22.36
CA ILE B 163 -11.13 -3.47 22.38
C ILE B 163 -11.38 -4.84 21.71
N PHE B 164 -10.35 -5.36 21.02
CA PHE B 164 -10.38 -6.63 20.39
C PHE B 164 -9.68 -7.71 21.14
N SER B 165 -9.34 -7.48 22.41
CA SER B 165 -8.54 -8.44 23.16
C SER B 165 -9.23 -9.75 23.46
N ASN B 166 -10.54 -9.79 23.51
CA ASN B 166 -11.25 -11.06 23.72
C ASN B 166 -11.76 -11.70 22.44
N ILE B 167 -11.16 -11.33 21.31
CA ILE B 167 -11.56 -11.86 20.06
C ILE B 167 -10.46 -12.87 19.61
N PRO B 168 -10.85 -14.05 19.13
CA PRO B 168 -9.78 -14.99 18.71
C PRO B 168 -9.07 -14.49 17.51
N PRO B 169 -7.88 -15.03 17.23
CA PRO B 169 -7.04 -14.47 16.13
C PRO B 169 -7.67 -14.51 14.73
N ASP B 170 -8.42 -15.56 14.41
CA ASP B 170 -9.19 -15.57 13.17
C ASP B 170 -10.17 -14.42 13.02
N GLY B 171 -10.91 -14.10 14.09
CA GLY B 171 -11.82 -12.94 14.05
C GLY B 171 -11.06 -11.62 13.95
N PHE B 172 -9.98 -11.48 14.71
CA PHE B 172 -9.19 -10.29 14.66
C PHE B 172 -8.69 -10.05 13.25
N LYS B 173 -8.14 -11.11 12.65
CA LYS B 173 -7.63 -10.97 11.29
C LYS B 173 -8.73 -10.49 10.29
N GLN B 174 -9.90 -11.06 10.39
CA GLN B 174 -11.01 -10.69 9.54
C GLN B 174 -11.44 -9.21 9.72
N ILE B 175 -11.47 -8.73 10.99
CA ILE B 175 -11.89 -7.36 11.36
C ILE B 175 -10.83 -6.39 10.82
N ARG B 176 -9.57 -6.71 11.05
CA ARG B 176 -8.46 -5.90 10.62
C ARG B 176 -8.41 -5.76 9.09
N GLN B 177 -8.49 -6.87 8.41
CA GLN B 177 -8.54 -6.81 6.95
C GLN B 177 -9.69 -5.93 6.45
N GLY B 178 -10.85 -6.03 7.08
CA GLY B 178 -12.02 -5.28 6.67
C GLY B 178 -11.83 -3.81 6.94
N MET B 179 -11.26 -3.48 8.10
CA MET B 179 -11.10 -2.08 8.43
C MET B 179 -10.09 -1.40 7.52
N ILE B 180 -9.02 -2.12 7.24
CA ILE B 180 -8.00 -1.62 6.33
C ILE B 180 -8.67 -1.30 4.97
N THR B 181 -9.40 -2.27 4.45
CA THR B 181 -10.04 -2.05 3.15
C THR B 181 -10.96 -0.81 3.22
N LEU B 182 -11.76 -0.68 4.30
CA LEU B 182 -12.66 0.45 4.37
C LEU B 182 -11.94 1.81 4.59
N ILE B 183 -10.92 1.88 5.45
CA ILE B 183 -10.23 3.14 5.62
C ILE B 183 -9.54 3.59 4.34
N LEU B 184 -8.99 2.63 3.59
CA LEU B 184 -8.26 3.01 2.39
C LEU B 184 -9.18 3.45 1.32
N ALA B 185 -10.40 2.92 1.39
CA ALA B 185 -11.49 3.26 0.46
C ALA B 185 -11.97 4.70 0.56
N THR B 186 -11.59 5.41 1.61
CA THR B 186 -11.98 6.79 1.80
C THR B 186 -11.11 7.82 1.06
N ASP B 187 -10.05 7.38 0.38
CA ASP B 187 -9.27 8.22 -0.49
C ASP B 187 -10.06 8.62 -1.71
N MET B 188 -10.38 9.94 -1.83
CA MET B 188 -11.26 10.37 -2.91
C MET B 188 -10.65 10.23 -4.30
N ALA B 189 -9.31 10.12 -4.40
CA ALA B 189 -8.65 9.78 -5.66
C ALA B 189 -9.25 8.51 -6.26
N ARG B 190 -9.81 7.63 -5.42
CA ARG B 190 -10.35 6.30 -5.85
C ARG B 190 -11.85 6.23 -6.08
N HIS B 191 -12.49 7.42 -6.09
CA HIS B 191 -13.91 7.46 -5.90
C HIS B 191 -14.65 6.84 -7.08
N ALA B 192 -14.29 7.32 -8.28
CA ALA B 192 -14.92 6.88 -9.54
C ALA B 192 -14.73 5.37 -9.73
N GLU B 193 -13.50 4.87 -9.51
CA GLU B 193 -13.15 3.45 -9.54
C GLU B 193 -14.10 2.59 -8.65
N ILE B 194 -14.21 2.98 -7.38
CA ILE B 194 -14.98 2.26 -6.41
C ILE B 194 -16.45 2.32 -6.78
N MET B 195 -16.89 3.48 -7.14
CA MET B 195 -18.24 3.64 -7.66
C MET B 195 -18.54 2.76 -8.86
N ASP B 196 -17.66 2.77 -9.84
CA ASP B 196 -17.79 1.82 -10.95
C ASP B 196 -17.81 0.37 -10.52
N SER B 197 -16.91 -0.08 -9.61
CA SER B 197 -16.99 -1.52 -9.29
C SER B 197 -18.30 -1.78 -8.59
N PHE B 198 -18.70 -0.84 -7.75
CA PHE B 198 -19.97 -0.99 -7.05
C PHE B 198 -21.12 -1.15 -8.01
N LYS B 199 -21.24 -0.22 -8.94
CA LYS B 199 -22.27 -0.22 -9.96
C LYS B 199 -22.32 -1.53 -10.77
N GLU B 200 -21.18 -2.14 -11.06
CA GLU B 200 -21.24 -3.34 -11.85
C GLU B 200 -21.73 -4.56 -11.03
N LYS B 201 -21.52 -4.58 -9.73
CA LYS B 201 -22.08 -5.61 -8.86
C LYS B 201 -23.55 -5.41 -8.71
N MET B 202 -23.93 -4.14 -8.63
CA MET B 202 -25.28 -3.64 -8.45
C MET B 202 -26.19 -4.03 -9.63
N GLU B 203 -25.59 -4.40 -10.76
CA GLU B 203 -26.33 -4.95 -11.85
C GLU B 203 -27.09 -6.24 -11.45
N ASN B 204 -26.58 -6.97 -10.45
CA ASN B 204 -27.25 -8.16 -9.94
C ASN B 204 -26.70 -8.47 -8.55
N PHE B 205 -27.06 -7.64 -7.58
CA PHE B 205 -26.41 -7.64 -6.28
C PHE B 205 -26.73 -8.91 -5.57
N ASP B 206 -25.82 -9.38 -4.73
CA ASP B 206 -25.89 -10.66 -4.02
C ASP B 206 -25.32 -10.48 -2.63
N TYR B 207 -26.19 -10.37 -1.61
CA TYR B 207 -25.79 -10.18 -0.23
C TYR B 207 -25.00 -11.35 0.33
N SER B 208 -25.01 -12.48 -0.35
CA SER B 208 -24.26 -13.60 0.12
C SER B 208 -22.90 -13.70 -0.59
N ASN B 209 -22.60 -12.75 -1.47
CA ASN B 209 -21.31 -12.71 -2.17
C ASN B 209 -20.39 -11.69 -1.48
N GLU B 210 -19.34 -12.23 -0.85
CA GLU B 210 -18.42 -11.46 0.02
C GLU B 210 -17.79 -10.23 -0.68
N GLU B 211 -17.53 -10.34 -1.99
CA GLU B 211 -17.01 -9.25 -2.80
C GLU B 211 -18.05 -8.17 -3.03
N HIS B 212 -19.30 -8.56 -3.21
CA HIS B 212 -20.41 -7.64 -3.31
C HIS B 212 -20.51 -6.85 -2.01
N MET B 213 -20.39 -7.55 -0.90
CA MET B 213 -20.57 -6.97 0.44
C MET B 213 -19.47 -6.04 0.86
N THR B 214 -18.25 -6.40 0.47
CA THR B 214 -17.06 -5.57 0.66
C THR B 214 -17.25 -4.23 -0.04
N LEU B 215 -17.67 -4.29 -1.28
CA LEU B 215 -17.95 -3.07 -2.04
C LEU B 215 -19.03 -2.24 -1.44
N LEU B 216 -20.08 -2.91 -1.03
CA LEU B 216 -21.15 -2.24 -0.29
C LEU B 216 -20.67 -1.53 0.99
N LYS B 217 -19.86 -2.20 1.80
CA LYS B 217 -19.32 -1.56 2.99
C LYS B 217 -18.43 -0.41 2.64
N MET B 218 -17.71 -0.56 1.52
CA MET B 218 -16.84 0.54 1.01
C MET B 218 -17.67 1.77 0.71
N ILE B 219 -18.79 1.57 0.02
CA ILE B 219 -19.66 2.67 -0.32
C ILE B 219 -20.29 3.28 0.92
N LEU B 220 -20.68 2.41 1.84
CA LEU B 220 -21.26 2.91 3.09
C LEU B 220 -20.34 3.82 3.85
N ILE B 221 -19.07 3.44 3.96
CA ILE B 221 -18.18 4.27 4.69
C ILE B 221 -17.93 5.61 3.92
N LYS B 222 -17.90 5.51 2.62
CA LYS B 222 -17.67 6.62 1.74
C LYS B 222 -18.85 7.57 1.82
N CYS B 223 -20.06 6.98 1.84
CA CYS B 223 -21.26 7.75 2.18
C CYS B 223 -21.16 8.56 3.48
N CYS B 224 -20.85 7.88 4.56
CA CYS B 224 -20.76 8.55 5.88
C CYS B 224 -19.67 9.58 5.95
N ASP B 225 -18.56 9.30 5.25
CA ASP B 225 -17.45 10.22 5.24
C ASP B 225 -17.83 11.61 4.68
N ILE B 226 -18.47 11.65 3.53
CA ILE B 226 -18.71 12.95 2.88
C ILE B 226 -20.16 13.43 3.04
N SER B 227 -20.80 13.01 4.13
CA SER B 227 -22.27 13.03 4.32
C SER B 227 -22.78 14.31 4.88
N ASN B 228 -21.93 15.30 5.09
CA ASN B 228 -22.38 16.50 5.84
C ASN B 228 -23.59 17.11 5.25
N GLU B 229 -23.68 17.21 3.94
CA GLU B 229 -24.84 17.82 3.31
C GLU B 229 -26.19 17.09 3.42
N VAL B 230 -26.19 15.85 3.92
CA VAL B 230 -27.40 15.07 4.19
C VAL B 230 -28.08 15.59 5.45
N ARG B 231 -27.27 16.21 6.31
CA ARG B 231 -27.71 16.79 7.56
C ARG B 231 -28.55 18.06 7.31
N PRO B 232 -29.40 18.40 8.30
CA PRO B 232 -30.14 19.66 8.29
C PRO B 232 -29.22 20.87 8.03
N MET B 233 -29.77 21.83 7.32
CA MET B 233 -28.96 22.87 6.73
C MET B 233 -28.09 23.61 7.77
N GLU B 234 -28.63 23.85 8.95
CA GLU B 234 -27.94 24.60 10.00
C GLU B 234 -26.81 23.73 10.59
N VAL B 235 -26.97 22.41 10.55
CA VAL B 235 -25.92 21.50 10.98
C VAL B 235 -24.87 21.34 9.84
N ALA B 236 -25.36 21.27 8.60
CA ALA B 236 -24.50 20.98 7.45
C ALA B 236 -23.57 22.16 7.13
N GLU B 237 -24.09 23.37 7.13
CA GLU B 237 -23.35 24.45 6.48
C GLU B 237 -22.04 24.91 7.15
N PRO B 238 -21.98 24.95 8.51
CA PRO B 238 -20.69 25.37 9.07
C PRO B 238 -19.53 24.46 8.69
N TRP B 239 -19.79 23.21 8.31
CA TRP B 239 -18.73 22.33 7.83
C TRP B 239 -18.01 22.83 6.56
N VAL B 240 -18.74 23.56 5.70
CA VAL B 240 -18.13 24.03 4.45
C VAL B 240 -17.02 25.04 4.73
N ASP B 241 -17.28 25.97 5.63
CA ASP B 241 -16.24 26.92 6.02
C ASP B 241 -15.04 26.28 6.69
N CYS B 242 -15.27 25.25 7.50
CA CYS B 242 -14.18 24.53 8.13
C CYS B 242 -13.26 23.91 7.12
N LEU B 243 -13.86 23.23 6.13
CA LEU B 243 -13.11 22.60 5.05
C LEU B 243 -12.33 23.62 4.21
N LEU B 244 -12.99 24.73 3.85
CA LEU B 244 -12.33 25.78 3.10
C LEU B 244 -11.19 26.37 3.90
N GLU B 245 -11.39 26.56 5.18
CA GLU B 245 -10.29 27.00 6.02
C GLU B 245 -9.05 26.07 5.84
N GLU B 246 -9.31 24.77 5.84
CA GLU B 246 -8.20 23.83 5.79
C GLU B 246 -7.53 23.90 4.40
N TYR B 247 -8.36 23.89 3.35
CA TYR B 247 -7.92 24.02 1.97
C TYR B 247 -7.07 25.29 1.71
N PHE B 248 -7.52 26.41 2.25
CA PHE B 248 -6.84 27.69 2.09
C PHE B 248 -5.52 27.71 2.80
N MET B 249 -5.50 27.08 3.95
CA MET B 249 -4.24 26.82 4.65
C MET B 249 -3.23 26.09 3.76
N GLN B 250 -3.74 25.10 3.03
CA GLN B 250 -2.94 24.34 2.10
C GLN B 250 -2.52 25.16 0.86
N SER B 251 -3.43 25.84 0.19
CA SER B 251 -3.04 26.57 -1.02
C SER B 251 -2.09 27.72 -0.73
N ASP B 252 -2.30 28.39 0.41
CA ASP B 252 -1.37 29.43 0.87
C ASP B 252 0.02 28.86 1.06
N ARG B 253 0.08 27.67 1.69
CA ARG B 253 1.37 27.07 1.96
C ARG B 253 2.04 26.63 0.66
N GLU B 254 1.25 26.06 -0.25
CA GLU B 254 1.79 25.60 -1.54
C GLU B 254 2.33 26.81 -2.27
N LYS B 255 1.52 27.85 -2.26
CA LYS B 255 1.86 29.07 -2.96
C LYS B 255 3.21 29.52 -2.44
N SER B 256 3.32 29.63 -1.11
CA SER B 256 4.60 30.05 -0.52
C SER B 256 5.80 29.11 -0.84
N GLU B 257 5.58 27.80 -0.96
CA GLU B 257 6.67 26.85 -1.17
C GLU B 257 6.87 26.61 -2.63
N GLY B 258 6.15 27.33 -3.49
CA GLY B 258 6.31 27.18 -4.95
C GLY B 258 5.78 25.86 -5.51
N LEU B 259 4.75 25.34 -4.86
CA LEU B 259 4.20 24.10 -5.26
C LEU B 259 2.87 24.35 -6.00
N PRO B 260 2.39 23.38 -6.81
CA PRO B 260 1.05 23.51 -7.44
C PRO B 260 -0.14 23.69 -6.48
N VAL B 261 -1.07 24.52 -6.91
CA VAL B 261 -2.30 24.83 -6.20
C VAL B 261 -3.51 24.27 -6.98
N ALA B 262 -4.38 23.50 -6.32
CA ALA B 262 -5.59 23.00 -6.94
C ALA B 262 -6.55 24.15 -6.91
N PRO B 263 -7.19 24.50 -8.06
CA PRO B 263 -8.20 25.55 -8.19
C PRO B 263 -9.29 25.50 -7.17
N PHE B 264 -9.71 24.30 -6.81
CA PHE B 264 -10.75 24.16 -5.78
C PHE B 264 -10.34 24.54 -4.37
N MET B 265 -9.04 24.80 -4.15
CA MET B 265 -8.53 25.28 -2.86
C MET B 265 -8.06 26.69 -2.87
N ASP B 266 -8.07 27.30 -4.05
CA ASP B 266 -7.49 28.64 -4.24
C ASP B 266 -8.50 29.71 -3.82
N ARG B 267 -8.12 30.54 -2.84
CA ARG B 267 -9.06 31.57 -2.34
C ARG B 267 -9.51 32.55 -3.44
N ASP B 268 -8.75 32.64 -4.53
CA ASP B 268 -9.15 33.53 -5.62
C ASP B 268 -10.17 32.91 -6.55
N LYS B 269 -10.19 31.59 -6.67
CA LYS B 269 -11.02 30.92 -7.66
C LYS B 269 -12.27 30.36 -6.98
N VAL B 270 -12.18 30.05 -5.70
CA VAL B 270 -13.27 29.30 -5.03
C VAL B 270 -14.49 30.14 -4.60
N THR B 271 -15.66 29.68 -5.01
CA THR B 271 -16.92 30.02 -4.37
C THR B 271 -17.53 28.86 -3.60
N LYS B 272 -18.05 29.18 -2.42
CA LYS B 272 -18.77 28.22 -1.57
C LYS B 272 -19.91 27.50 -2.30
N ALA B 273 -20.73 28.28 -3.00
CA ALA B 273 -21.87 27.74 -3.76
C ALA B 273 -21.44 26.82 -4.92
N THR B 274 -20.48 27.27 -5.70
CA THR B 274 -20.07 26.52 -6.86
C THR B 274 -19.37 25.26 -6.40
N ALA B 275 -18.55 25.37 -5.34
CA ALA B 275 -17.95 24.18 -4.71
C ALA B 275 -19.00 23.08 -4.44
N GLN B 276 -20.07 23.52 -3.78
CA GLN B 276 -21.06 22.61 -3.24
C GLN B 276 -21.98 22.09 -4.30
N ILE B 277 -22.33 22.95 -5.27
CA ILE B 277 -23.24 22.53 -6.32
C ILE B 277 -22.72 21.31 -7.04
N GLY B 278 -21.48 21.34 -7.45
CA GLY B 278 -20.99 20.23 -8.25
C GLY B 278 -20.82 18.97 -7.47
N PHE B 279 -20.30 19.11 -6.26
CA PHE B 279 -20.07 18.01 -5.33
C PHE B 279 -21.37 17.29 -5.00
N ILE B 280 -22.40 18.06 -4.69
CA ILE B 280 -23.71 17.48 -4.40
C ILE B 280 -24.25 16.78 -5.67
N LYS B 281 -24.29 17.52 -6.79
CA LYS B 281 -24.85 16.98 -8.01
C LYS B 281 -24.15 15.74 -8.58
N PHE B 282 -22.83 15.77 -8.58
CA PHE B 282 -22.03 14.77 -9.34
C PHE B 282 -21.27 13.79 -8.43
N VAL B 283 -21.17 14.03 -7.14
CA VAL B 283 -20.58 13.08 -6.26
C VAL B 283 -21.61 12.54 -5.28
N LEU B 284 -22.28 13.40 -4.53
CA LEU B 284 -23.14 12.93 -3.42
C LEU B 284 -24.39 12.25 -3.91
N ILE B 285 -25.09 12.94 -4.78
CA ILE B 285 -26.40 12.42 -5.22
C ILE B 285 -26.29 11.06 -5.93
N PRO B 286 -25.38 10.94 -6.96
CA PRO B 286 -25.24 9.69 -7.69
C PRO B 286 -24.87 8.53 -6.76
N MET B 287 -24.00 8.83 -5.78
CA MET B 287 -23.61 7.84 -4.80
C MET B 287 -24.79 7.38 -3.94
N PHE B 288 -25.56 8.30 -3.41
CA PHE B 288 -26.74 7.91 -2.66
C PHE B 288 -27.87 7.28 -3.46
N GLU B 289 -27.96 7.63 -4.75
CA GLU B 289 -28.94 6.95 -5.64
C GLU B 289 -28.64 5.41 -5.76
N THR B 290 -27.36 5.04 -5.87
CA THR B 290 -27.07 3.62 -6.06
C THR B 290 -27.37 2.87 -4.79
N VAL B 291 -27.23 3.54 -3.64
CA VAL B 291 -27.53 2.91 -2.35
C VAL B 291 -29.03 2.69 -2.19
N THR B 292 -29.80 3.62 -2.73
CA THR B 292 -31.25 3.66 -2.62
C THR B 292 -31.86 2.49 -3.33
N LYS B 293 -31.18 2.00 -4.35
CA LYS B 293 -31.63 0.80 -5.05
C LYS B 293 -31.71 -0.40 -4.08
N LEU B 294 -30.75 -0.53 -3.14
CA LEU B 294 -30.80 -1.58 -2.10
C LEU B 294 -31.63 -1.20 -0.91
N PHE B 295 -31.65 0.10 -0.58
CA PHE B 295 -32.26 0.65 0.65
C PHE B 295 -33.13 1.84 0.30
N PRO B 296 -34.35 1.52 -0.14
CA PRO B 296 -35.20 2.53 -0.70
C PRO B 296 -35.63 3.64 0.28
N MET B 297 -35.68 3.34 1.59
CA MET B 297 -35.81 4.39 2.63
C MET B 297 -34.75 5.51 2.59
N VAL B 298 -33.60 5.26 1.98
CA VAL B 298 -32.56 6.30 1.86
C VAL B 298 -33.04 7.55 1.03
N GLU B 299 -33.95 7.33 0.07
CA GLU B 299 -34.40 8.41 -0.79
C GLU B 299 -35.00 9.53 0.04
N GLU B 300 -35.96 9.16 0.87
CA GLU B 300 -36.64 10.17 1.66
C GLU B 300 -35.77 10.77 2.74
N ILE B 301 -34.94 9.97 3.37
CA ILE B 301 -34.13 10.44 4.51
C ILE B 301 -32.80 11.13 4.11
N MET B 302 -32.19 10.77 2.99
CA MET B 302 -30.85 11.30 2.64
C MET B 302 -30.81 12.00 1.29
N LEU B 303 -31.52 11.48 0.30
CA LEU B 303 -31.64 12.17 -0.99
C LEU B 303 -32.44 13.46 -0.90
N GLN B 304 -33.58 13.45 -0.24
CA GLN B 304 -34.39 14.61 -0.20
C GLN B 304 -33.57 15.85 0.31
N PRO B 305 -32.87 15.72 1.43
CA PRO B 305 -32.05 16.82 1.96
C PRO B 305 -30.86 17.26 1.07
N LEU B 306 -30.32 16.32 0.33
CA LEU B 306 -29.39 16.67 -0.73
C LEU B 306 -30.04 17.43 -1.88
N TRP B 307 -31.28 17.14 -2.21
CA TRP B 307 -31.91 17.85 -3.27
C TRP B 307 -32.13 19.30 -2.91
N GLU B 308 -32.53 19.52 -1.67
CA GLU B 308 -32.76 20.82 -1.08
C GLU B 308 -31.48 21.65 -1.00
N SER B 309 -30.41 20.97 -0.62
CA SER B 309 -29.12 21.65 -0.50
C SER B 309 -28.71 22.14 -1.89
N ARG B 310 -28.82 21.27 -2.87
CA ARG B 310 -28.47 21.59 -4.24
C ARG B 310 -29.27 22.80 -4.72
N ASP B 311 -30.57 22.79 -4.50
CA ASP B 311 -31.44 23.89 -4.81
C ASP B 311 -31.10 25.19 -4.08
N ARG B 312 -30.83 25.08 -2.78
CA ARG B 312 -30.40 26.21 -1.95
C ARG B 312 -29.10 26.77 -2.53
N TYR B 313 -28.10 25.93 -2.77
CA TYR B 313 -26.84 26.41 -3.33
C TYR B 313 -26.93 26.95 -4.75
N GLU B 314 -27.81 26.39 -5.59
CA GLU B 314 -27.98 26.91 -6.96
C GLU B 314 -28.58 28.28 -6.86
N GLU B 315 -29.47 28.50 -5.89
CA GLU B 315 -30.00 29.86 -5.57
C GLU B 315 -28.97 30.86 -5.05
N LEU B 316 -28.19 30.49 -4.00
CA LEU B 316 -27.05 31.31 -3.56
C LEU B 316 -26.14 31.76 -4.73
N LYS B 317 -25.88 30.85 -5.66
CA LYS B 317 -25.00 31.16 -6.75
C LYS B 317 -25.58 32.15 -7.72
N ARG B 318 -26.90 32.17 -7.84
CA ARG B 318 -27.55 33.17 -8.66
C ARG B 318 -27.41 34.52 -8.05
N ILE B 319 -27.48 34.54 -6.74
CA ILE B 319 -27.39 35.77 -6.01
C ILE B 319 -25.93 36.27 -6.10
N ASP B 320 -24.96 35.35 -6.08
CA ASP B 320 -23.53 35.69 -6.28
C ASP B 320 -23.36 36.30 -7.63
N ASP B 321 -23.82 35.58 -8.65
CA ASP B 321 -23.73 35.98 -10.06
C ASP B 321 -24.36 37.35 -10.34
N ALA B 322 -25.47 37.64 -9.66
CA ALA B 322 -26.17 38.94 -9.82
C ALA B 322 -25.39 40.03 -9.10
N MET B 323 -24.73 39.70 -7.99
CA MET B 323 -23.77 40.65 -7.40
C MET B 323 -22.55 40.96 -8.28
N LYS B 324 -21.87 39.93 -8.75
CA LYS B 324 -20.74 40.12 -9.68
C LYS B 324 -21.13 40.91 -10.93
N GLU B 325 -22.20 40.50 -11.58
CA GLU B 325 -22.67 41.14 -12.80
C GLU B 325 -23.00 42.55 -12.44
N LEU B 326 -23.64 42.74 -11.28
CA LEU B 326 -24.06 44.08 -10.85
C LEU B 326 -22.89 45.05 -10.66
N GLN B 327 -21.73 44.52 -10.28
CA GLN B 327 -20.55 45.35 -10.00
C GLN B 327 -19.62 45.55 -11.22
N LYS B 328 -18.95 44.48 -11.65
CA LYS B 328 -17.90 44.59 -12.69
C LYS B 328 -18.50 44.59 -14.11
#